data_1O4S
#
_entry.id   1O4S
#
_cell.length_a   64.048
_cell.length_b   79.509
_cell.length_c   170.184
_cell.angle_alpha   90.00
_cell.angle_beta   90.00
_cell.angle_gamma   90.00
#
_symmetry.space_group_name_H-M   'P 21 21 21'
#
loop_
_entity.id
_entity.type
_entity.pdbx_description
1 polymer 'Aspartate aminotransferase'
2 non-polymer 'SULFATE ION'
3 non-polymer "PYRIDOXAL-5'-PHOSPHATE"
4 water water
#
_entity_poly.entity_id   1
_entity_poly.type   'polypeptide(L)'
_entity_poly.pdbx_seq_one_letter_code
;MGSDKIHHHHHHMVSRRISEIPISKTMELDAKAKALIKKGEDVINLTAGEPDFPTPEPVVEEAVRFLQKGEVKYTDPRGI
YELREGIAKRIGERYKKDISPDQVVVTNGAKQALFNAFMALLDPGDEVIVFSPVWVSYIPQIILAGGTVNVVETFMSKNF
QPSLEEVEGLLVGKTKAVLINSPNNPTGVVYRREFLEGLVRLAKKRNFYIISDEVYDSLVYTDEFTSILDVSEGFDRIVY
INGFSKSHSMTGWRVGYLISSEKVATAVSKIQSHTTSCINTVAQYAALKALEVDNSYMVQTFKERKNFVVERLKKMGVKF
VEPEGAFYLFFKVRGDDVKFCERLLEEKKVALVPGSAFLKPGFVRLSFATSIERLTEALDRIEDFLNSR
;
_entity_poly.pdbx_strand_id   A,B
#
# COMPACT_ATOMS: atom_id res chain seq x y z
N VAL A 14 -10.22 17.27 -8.33
CA VAL A 14 -10.31 16.17 -7.28
C VAL A 14 -11.47 15.20 -7.58
N SER A 15 -11.18 13.92 -7.66
CA SER A 15 -12.16 12.92 -8.05
C SER A 15 -13.41 12.85 -7.17
N ARG A 16 -14.54 12.60 -7.83
CA ARG A 16 -15.85 12.48 -7.21
C ARG A 16 -15.88 11.45 -6.10
N ARG A 17 -15.27 10.30 -6.32
CA ARG A 17 -15.20 9.24 -5.30
C ARG A 17 -14.67 9.66 -3.92
N ILE A 18 -13.74 10.61 -3.88
CA ILE A 18 -13.23 11.12 -2.61
C ILE A 18 -14.35 11.81 -1.81
N SER A 19 -15.18 12.62 -2.48
CA SER A 19 -16.41 13.20 -1.88
C SER A 19 -17.48 12.19 -1.52
N GLU A 20 -17.46 11.02 -2.16
CA GLU A 20 -18.42 9.99 -1.84
C GLU A 20 -18.03 9.31 -0.53
N ILE A 21 -16.77 9.42 -0.12
CA ILE A 21 -16.31 8.80 1.13
C ILE A 21 -17.06 9.44 2.30
N PRO A 22 -17.65 8.63 3.18
CA PRO A 22 -18.39 9.19 4.32
C PRO A 22 -17.47 10.06 5.21
N ILE A 23 -17.99 11.20 5.67
CA ILE A 23 -17.24 12.07 6.57
C ILE A 23 -17.08 11.44 7.97
N SER A 24 -15.89 11.59 8.51
CA SER A 24 -15.53 11.14 9.86
C SER A 24 -16.43 11.76 10.94
N LYS A 25 -16.83 10.93 11.91
CA LYS A 25 -17.58 11.34 13.14
C LYS A 25 -16.65 11.54 14.35
N THR A 26 -15.36 11.25 14.15
CA THR A 26 -14.33 11.04 15.18
C THR A 26 -13.17 12.12 15.15
N MET A 27 -13.21 13.05 14.18
CA MET A 27 -12.10 13.97 13.90
C MET A 27 -12.01 15.04 14.99
N GLU A 28 -13.14 15.69 15.25
CA GLU A 28 -13.26 16.65 16.34
C GLU A 28 -12.85 16.01 17.67
N LEU A 29 -13.21 14.73 17.89
CA LEU A 29 -13.02 14.10 19.19
C LEU A 29 -11.56 13.81 19.41
N ASP A 30 -10.91 13.28 18.38
CA ASP A 30 -9.46 13.01 18.42
C ASP A 30 -8.70 14.29 18.76
N ALA A 31 -9.07 15.37 18.09
CA ALA A 31 -8.43 16.66 18.30
C ALA A 31 -8.69 17.20 19.70
N LYS A 32 -9.90 16.98 20.21
CA LYS A 32 -10.21 17.36 21.58
C LYS A 32 -9.40 16.56 22.64
N ALA A 33 -9.21 15.27 22.41
CA ALA A 33 -8.40 14.47 23.32
C ALA A 33 -6.96 15.00 23.38
N LYS A 34 -6.36 15.30 22.22
CA LYS A 34 -5.02 15.88 22.18
C LYS A 34 -4.97 17.25 22.84
N ALA A 35 -5.93 18.11 22.52
CA ALA A 35 -5.98 19.43 23.15
C ALA A 35 -6.00 19.33 24.68
N LEU A 36 -6.81 18.41 25.20
CA LEU A 36 -6.94 18.24 26.64
C LEU A 36 -5.59 17.80 27.21
N ILE A 37 -4.91 16.88 26.52
CA ILE A 37 -3.58 16.45 26.93
C ILE A 37 -2.54 17.60 26.97
N LYS A 38 -2.49 18.41 25.90
CA LYS A 38 -1.70 19.66 25.86
C LYS A 38 -1.92 20.57 27.07
N LYS A 39 -3.14 20.58 27.57
CA LYS A 39 -3.52 21.38 28.75
C LYS A 39 -3.26 20.63 30.07
N GLY A 40 -2.52 19.52 30.00
CA GLY A 40 -2.14 18.74 31.16
C GLY A 40 -3.29 17.99 31.81
N GLU A 41 -4.33 17.71 31.03
CA GLU A 41 -5.44 16.93 31.55
C GLU A 41 -5.05 15.47 31.43
N ASP A 42 -5.46 14.71 32.44
CA ASP A 42 -5.22 13.28 32.51
C ASP A 42 -6.29 12.49 31.73
N VAL A 43 -6.21 12.51 30.41
CA VAL A 43 -7.14 11.78 29.56
C VAL A 43 -6.88 10.26 29.57
N ILE A 44 -7.90 9.45 29.87
CA ILE A 44 -7.84 8.02 29.69
C ILE A 44 -8.53 7.74 28.38
N ASN A 45 -7.74 7.36 27.40
CA ASN A 45 -8.17 7.22 26.04
C ASN A 45 -8.50 5.76 25.75
N LEU A 46 -9.78 5.45 25.59
CA LEU A 46 -10.25 4.10 25.37
C LEU A 46 -10.80 3.96 23.95
N THR A 47 -10.13 4.62 22.99
CA THR A 47 -10.50 4.58 21.58
C THR A 47 -9.57 3.68 20.73
N ALA A 48 -8.53 3.12 21.30
CA ALA A 48 -7.51 2.47 20.47
C ALA A 48 -8.02 1.29 19.66
N GLY A 49 -7.51 1.19 18.43
CA GLY A 49 -7.71 0.04 17.58
C GLY A 49 -6.48 -0.80 17.42
N GLU A 50 -5.61 -0.78 18.43
CA GLU A 50 -4.34 -1.49 18.45
C GLU A 50 -4.02 -1.90 19.86
N PRO A 51 -3.44 -3.08 19.99
CA PRO A 51 -3.04 -3.56 21.32
C PRO A 51 -1.94 -2.73 21.93
N ASP A 52 -1.90 -2.71 23.24
CA ASP A 52 -0.92 -1.93 23.98
C ASP A 52 0.29 -2.77 24.39
N PHE A 53 0.69 -3.71 23.55
CA PHE A 53 1.83 -4.54 23.81
C PHE A 53 2.89 -4.10 22.78
N PRO A 54 4.15 -4.33 23.13
CA PRO A 54 5.24 -4.11 22.20
C PRO A 54 5.29 -5.22 21.16
N THR A 55 6.02 -4.96 20.10
CA THR A 55 6.42 -6.01 19.18
C THR A 55 7.15 -7.07 20.00
N PRO A 56 6.83 -8.36 19.81
CA PRO A 56 7.53 -9.38 20.60
C PRO A 56 9.03 -9.28 20.39
N GLU A 57 9.79 -9.48 21.46
CA GLU A 57 11.20 -9.31 21.39
C GLU A 57 11.87 -10.24 20.42
N PRO A 58 11.45 -11.49 20.24
CA PRO A 58 12.10 -12.31 19.19
C PRO A 58 11.93 -11.73 17.78
N VAL A 59 10.81 -11.08 17.56
CA VAL A 59 10.52 -10.39 16.32
C VAL A 59 11.48 -9.20 16.10
N VAL A 60 11.62 -8.36 17.12
CA VAL A 60 12.57 -7.25 17.07
C VAL A 60 13.98 -7.71 16.80
N GLU A 61 14.41 -8.77 17.47
CA GLU A 61 15.75 -9.30 17.31
C GLU A 61 16.01 -9.82 15.89
N GLU A 62 15.03 -10.47 15.30
CA GLU A 62 15.18 -10.96 13.94
C GLU A 62 15.26 -9.77 12.95
N ALA A 63 14.40 -8.77 13.16
CA ALA A 63 14.38 -7.57 12.30
C ALA A 63 15.72 -6.84 12.37
N VAL A 64 16.26 -6.75 13.59
CA VAL A 64 17.55 -6.15 13.81
C VAL A 64 18.67 -6.94 13.13
N ARG A 65 18.62 -8.27 13.24
CA ARG A 65 19.61 -9.13 12.62
C ARG A 65 19.59 -8.93 11.10
N PHE A 66 18.41 -8.89 10.50
CA PHE A 66 18.27 -8.62 9.08
C PHE A 66 18.83 -7.23 8.68
N LEU A 67 18.46 -6.22 9.45
CA LEU A 67 18.82 -4.83 9.20
C LEU A 67 20.31 -4.59 9.17
N GLN A 68 21.02 -5.24 10.06
CA GLN A 68 22.42 -4.98 10.24
C GLN A 68 23.26 -5.47 9.06
N LYS A 69 22.66 -6.26 8.18
CA LYS A 69 23.37 -6.64 6.96
C LYS A 69 23.26 -5.54 5.90
N GLY A 70 22.36 -4.58 6.11
CA GLY A 70 22.28 -3.39 5.30
C GLY A 70 21.52 -3.51 3.95
N GLU A 71 21.06 -4.71 3.60
CA GLU A 71 20.44 -4.93 2.31
C GLU A 71 18.93 -4.97 2.43
N VAL A 72 18.30 -3.88 2.02
CA VAL A 72 16.88 -3.73 2.13
C VAL A 72 16.41 -3.35 0.74
N LYS A 73 15.98 -4.39 0.03
CA LYS A 73 15.79 -4.28 -1.40
C LYS A 73 14.43 -4.83 -1.82
N TYR A 74 14.08 -4.59 -3.08
CA TYR A 74 12.80 -5.06 -3.58
C TYR A 74 12.75 -6.60 -3.44
N THR A 75 11.54 -7.08 -3.21
CA THR A 75 11.25 -8.52 -3.25
C THR A 75 10.13 -8.74 -4.26
N ASP A 76 9.78 -10.00 -4.40
CA ASP A 76 8.59 -10.44 -5.11
C ASP A 76 7.43 -9.62 -4.61
N PRO A 77 6.69 -8.99 -5.51
CA PRO A 77 5.60 -8.09 -5.09
C PRO A 77 4.50 -8.75 -4.27
N ARG A 78 4.30 -10.06 -4.46
CA ARG A 78 3.38 -10.87 -3.65
C ARG A 78 3.86 -11.16 -2.22
N GLY A 79 5.14 -10.92 -1.95
CA GLY A 79 5.83 -11.27 -0.70
C GLY A 79 6.86 -12.36 -0.92
N ILE A 80 7.94 -12.36 -0.15
CA ILE A 80 8.97 -13.41 -0.25
C ILE A 80 8.31 -14.77 -0.12
N TYR A 81 8.82 -15.72 -0.91
CA TYR A 81 8.25 -17.05 -1.00
C TYR A 81 8.17 -17.70 0.39
N GLU A 82 9.23 -17.59 1.19
CA GLU A 82 9.30 -18.22 2.51
C GLU A 82 8.24 -17.71 3.47
N LEU A 83 7.89 -16.43 3.34
CA LEU A 83 6.77 -15.86 4.10
C LEU A 83 5.45 -16.40 3.60
N ARG A 84 5.24 -16.43 2.29
CA ARG A 84 4.00 -16.97 1.75
C ARG A 84 3.86 -18.44 2.11
N GLU A 85 4.95 -19.18 2.02
CA GLU A 85 5.02 -20.58 2.43
C GLU A 85 4.70 -20.79 3.93
N GLY A 86 5.31 -20.00 4.82
CA GLY A 86 5.01 -20.00 6.24
C GLY A 86 3.54 -19.75 6.54
N ILE A 87 2.95 -18.78 5.89
CA ILE A 87 1.56 -18.43 6.13
C ILE A 87 0.66 -19.59 5.63
N ALA A 88 0.94 -20.09 4.44
CA ALA A 88 0.15 -21.14 3.83
C ALA A 88 0.18 -22.36 4.75
N LYS A 89 1.35 -22.65 5.32
CA LYS A 89 1.52 -23.81 6.18
C LYS A 89 0.74 -23.65 7.52
N ARG A 90 0.89 -22.51 8.18
CA ARG A 90 0.20 -22.30 9.45
C ARG A 90 -1.32 -22.34 9.26
N ILE A 91 -1.85 -21.63 8.27
CA ILE A 91 -3.29 -21.56 8.06
C ILE A 91 -3.83 -22.93 7.65
N GLY A 92 -3.11 -23.58 6.75
CA GLY A 92 -3.43 -24.92 6.31
C GLY A 92 -3.41 -25.95 7.40
N GLU A 93 -2.45 -25.85 8.30
CA GLU A 93 -2.41 -26.77 9.44
C GLU A 93 -3.52 -26.48 10.44
N ARG A 94 -3.82 -25.21 10.71
CA ARG A 94 -4.93 -24.87 11.62
C ARG A 94 -6.28 -25.38 11.15
N TYR A 95 -6.53 -25.33 9.84
CA TYR A 95 -7.83 -25.59 9.29
C TYR A 95 -7.88 -26.86 8.42
N LYS A 96 -6.83 -27.68 8.49
CA LYS A 96 -6.76 -28.93 7.72
C LYS A 96 -7.02 -28.69 6.24
N LYS A 97 -6.26 -27.79 5.64
CA LYS A 97 -6.40 -27.44 4.22
C LYS A 97 -5.02 -27.50 3.57
N ASP A 98 -5.00 -27.83 2.29
CA ASP A 98 -3.76 -27.84 1.50
C ASP A 98 -3.70 -26.49 0.79
N ILE A 99 -2.88 -25.58 1.32
CA ILE A 99 -2.76 -24.23 0.78
C ILE A 99 -1.38 -24.07 0.16
N SER A 100 -1.39 -23.67 -1.09
CA SER A 100 -0.18 -23.41 -1.82
C SER A 100 0.33 -22.00 -1.51
N PRO A 101 1.64 -21.77 -1.50
CA PRO A 101 2.17 -20.41 -1.32
C PRO A 101 1.67 -19.43 -2.38
N ASP A 102 1.29 -19.94 -3.55
CA ASP A 102 0.76 -19.09 -4.61
C ASP A 102 -0.73 -18.66 -4.40
N GLN A 103 -1.38 -19.19 -3.36
CA GLN A 103 -2.66 -18.69 -2.90
C GLN A 103 -2.58 -17.48 -1.98
N VAL A 104 -1.36 -17.11 -1.59
CA VAL A 104 -1.13 -16.10 -0.58
C VAL A 104 -0.54 -14.85 -1.19
N VAL A 105 -1.05 -13.68 -0.79
CA VAL A 105 -0.43 -12.39 -1.12
C VAL A 105 -0.21 -11.61 0.17
N VAL A 106 1.02 -11.18 0.37
CA VAL A 106 1.44 -10.40 1.55
C VAL A 106 1.24 -8.97 1.17
N THR A 107 0.67 -8.21 2.12
CA THR A 107 0.17 -6.85 1.88
C THR A 107 0.45 -5.91 3.07
N ASN A 108 0.28 -4.61 2.87
CA ASN A 108 0.52 -3.58 3.92
C ASN A 108 -0.68 -3.55 4.86
N GLY A 109 -0.61 -4.43 5.85
CA GLY A 109 -1.69 -4.70 6.78
C GLY A 109 -2.78 -5.51 6.10
N ALA A 110 -3.69 -6.00 6.94
CA ALA A 110 -4.95 -6.52 6.51
C ALA A 110 -5.75 -5.44 5.77
N LYS A 111 -5.54 -4.18 6.12
CA LYS A 111 -6.20 -3.08 5.40
C LYS A 111 -5.96 -3.14 3.90
N GLN A 112 -4.72 -3.33 3.47
CA GLN A 112 -4.45 -3.39 2.04
C GLN A 112 -4.95 -4.69 1.39
N ALA A 113 -4.90 -5.79 2.10
CA ALA A 113 -5.46 -7.04 1.59
C ALA A 113 -6.93 -6.82 1.25
N LEU A 114 -7.69 -6.15 2.13
CA LEU A 114 -9.08 -5.85 1.89
C LEU A 114 -9.27 -4.97 0.64
N PHE A 115 -8.52 -3.86 0.56
CA PHE A 115 -8.59 -2.96 -0.57
C PHE A 115 -8.30 -3.72 -1.86
N ASN A 116 -7.25 -4.55 -1.85
CA ASN A 116 -6.85 -5.29 -3.02
C ASN A 116 -7.92 -6.29 -3.46
N ALA A 117 -8.61 -6.91 -2.51
CA ALA A 117 -9.73 -7.82 -2.78
C ALA A 117 -10.86 -7.10 -3.54
N PHE A 118 -11.26 -5.95 -3.02
CA PHE A 118 -12.30 -5.16 -3.70
C PHE A 118 -11.82 -4.71 -5.08
N MET A 119 -10.57 -4.25 -5.20
CA MET A 119 -10.03 -3.81 -6.50
C MET A 119 -9.96 -4.98 -7.50
N ALA A 120 -9.67 -6.17 -6.98
CA ALA A 120 -9.51 -7.36 -7.81
C ALA A 120 -10.85 -7.95 -8.23
N LEU A 121 -11.91 -7.72 -7.45
CA LEU A 121 -13.16 -8.41 -7.65
C LEU A 121 -14.29 -7.55 -8.17
N LEU A 122 -14.27 -6.24 -7.89
CA LEU A 122 -15.42 -5.40 -8.22
C LEU A 122 -15.19 -4.69 -9.51
N ASP A 123 -16.25 -4.68 -10.30
CA ASP A 123 -16.38 -3.84 -11.46
C ASP A 123 -17.24 -2.65 -11.00
N PRO A 124 -17.18 -1.54 -11.74
CA PRO A 124 -17.99 -0.34 -11.45
C PRO A 124 -19.46 -0.71 -11.27
N GLY A 125 -20.04 -0.31 -10.16
CA GLY A 125 -21.45 -0.63 -9.94
C GLY A 125 -21.73 -1.91 -9.19
N ASP A 126 -20.75 -2.79 -9.00
CA ASP A 126 -20.98 -4.03 -8.26
C ASP A 126 -21.29 -3.75 -6.82
N GLU A 127 -22.08 -4.63 -6.22
CA GLU A 127 -22.48 -4.50 -4.84
C GLU A 127 -21.72 -5.39 -3.90
N VAL A 128 -21.50 -4.87 -2.70
CA VAL A 128 -20.93 -5.61 -1.60
C VAL A 128 -21.89 -5.43 -0.43
N ILE A 129 -22.28 -6.54 0.19
CA ILE A 129 -23.08 -6.51 1.41
C ILE A 129 -22.15 -6.54 2.64
N VAL A 130 -22.40 -5.63 3.58
CA VAL A 130 -21.68 -5.53 4.83
C VAL A 130 -22.71 -5.49 5.95
N PHE A 131 -22.28 -5.79 7.16
CA PHE A 131 -23.09 -5.79 8.35
C PHE A 131 -22.70 -4.65 9.29
N SER A 132 -23.69 -3.85 9.68
CA SER A 132 -23.49 -2.85 10.75
C SER A 132 -23.87 -3.50 12.06
N PRO A 133 -23.26 -3.14 13.19
CA PRO A 133 -22.11 -2.17 13.28
C PRO A 133 -20.87 -2.56 12.44
N VAL A 134 -20.40 -1.58 11.69
CA VAL A 134 -19.41 -1.82 10.64
C VAL A 134 -18.18 -0.95 10.83
N TRP A 135 -17.02 -1.62 10.72
CA TRP A 135 -15.72 -0.99 10.87
C TRP A 135 -15.56 0.10 9.80
N VAL A 136 -14.93 1.18 10.23
CA VAL A 136 -14.96 2.44 9.51
C VAL A 136 -14.26 2.41 8.15
N SER A 137 -13.40 1.46 7.87
CA SER A 137 -12.69 1.51 6.60
C SER A 137 -13.28 0.74 5.45
N TYR A 138 -14.19 -0.17 5.71
CA TYR A 138 -14.68 -1.02 4.64
C TYR A 138 -15.42 -0.24 3.54
N ILE A 139 -16.35 0.62 3.95
CA ILE A 139 -17.15 1.35 3.01
C ILE A 139 -16.30 2.30 2.16
N PRO A 140 -15.39 3.10 2.76
CA PRO A 140 -14.42 3.88 1.96
C PRO A 140 -13.70 3.03 0.91
N GLN A 141 -13.24 1.87 1.29
CA GLN A 141 -12.54 0.99 0.35
C GLN A 141 -13.42 0.52 -0.81
N ILE A 142 -14.66 0.16 -0.51
CA ILE A 142 -15.58 -0.38 -1.50
C ILE A 142 -15.90 0.74 -2.50
N ILE A 143 -16.13 1.95 -1.99
CA ILE A 143 -16.35 3.12 -2.83
C ILE A 143 -15.13 3.47 -3.70
N LEU A 144 -13.94 3.52 -3.11
CA LEU A 144 -12.74 3.76 -3.90
C LEU A 144 -12.56 2.75 -5.04
N ALA A 145 -12.99 1.52 -4.81
CA ALA A 145 -12.90 0.47 -5.81
C ALA A 145 -14.04 0.52 -6.82
N GLY A 146 -14.97 1.48 -6.69
CA GLY A 146 -16.03 1.63 -7.68
C GLY A 146 -17.33 0.90 -7.37
N GLY A 147 -17.41 0.28 -6.20
CA GLY A 147 -18.55 -0.49 -5.79
C GLY A 147 -19.57 0.32 -5.03
N THR A 148 -20.72 -0.32 -4.80
CA THR A 148 -21.75 0.25 -3.95
C THR A 148 -22.02 -0.70 -2.82
N VAL A 149 -22.37 -0.13 -1.70
CA VAL A 149 -22.52 -0.86 -0.45
C VAL A 149 -23.98 -1.04 -0.16
N ASN A 150 -24.29 -2.23 0.32
CA ASN A 150 -25.57 -2.52 0.85
C ASN A 150 -25.42 -3.01 2.28
N VAL A 151 -25.95 -2.23 3.22
CA VAL A 151 -25.73 -2.44 4.63
C VAL A 151 -26.89 -3.25 5.24
N VAL A 152 -26.57 -4.40 5.83
CA VAL A 152 -27.52 -5.17 6.60
C VAL A 152 -27.27 -4.81 8.08
N GLU A 153 -28.27 -4.22 8.73
CA GLU A 153 -28.15 -3.88 10.12
C GLU A 153 -28.34 -5.12 11.02
N THR A 154 -27.49 -5.26 12.03
CA THR A 154 -27.69 -6.27 13.06
C THR A 154 -27.97 -5.60 14.40
N PHE A 155 -28.49 -6.40 15.33
CA PHE A 155 -29.15 -5.93 16.54
C PHE A 155 -28.57 -6.58 17.77
N MET A 156 -28.44 -5.78 18.84
CA MET A 156 -27.89 -6.28 20.08
C MET A 156 -28.73 -7.44 20.63
N SER A 157 -30.03 -7.31 20.56
CA SER A 157 -30.95 -8.33 21.05
C SER A 157 -30.79 -9.66 20.30
N LYS A 158 -30.09 -9.64 19.15
CA LYS A 158 -29.78 -10.86 18.40
C LYS A 158 -28.30 -11.19 18.45
N ASN A 159 -27.62 -10.64 19.43
CA ASN A 159 -26.17 -10.76 19.59
C ASN A 159 -25.41 -10.34 18.32
N PHE A 160 -26.02 -9.41 17.58
CA PHE A 160 -25.46 -8.83 16.37
C PHE A 160 -25.18 -9.87 15.31
N GLN A 161 -25.96 -10.96 15.33
CA GLN A 161 -25.86 -12.05 14.37
C GLN A 161 -26.73 -11.66 13.18
N PRO A 162 -26.18 -11.66 11.96
CA PRO A 162 -27.00 -11.28 10.79
C PRO A 162 -28.09 -12.28 10.39
N SER A 163 -29.13 -11.76 9.76
CA SER A 163 -30.15 -12.60 9.12
C SER A 163 -29.72 -13.00 7.72
N LEU A 164 -29.62 -14.30 7.49
CA LEU A 164 -29.42 -14.87 6.17
C LEU A 164 -30.54 -14.59 5.16
N GLU A 165 -31.76 -14.55 5.67
CA GLU A 165 -32.90 -14.13 4.89
C GLU A 165 -32.73 -12.69 4.37
N GLU A 166 -32.19 -11.78 5.19
CA GLU A 166 -32.03 -10.39 4.80
C GLU A 166 -30.92 -10.30 3.78
N VAL A 167 -29.84 -11.04 3.97
CA VAL A 167 -28.77 -11.07 2.99
C VAL A 167 -29.33 -11.50 1.65
N GLU A 168 -30.10 -12.58 1.64
CA GLU A 168 -30.60 -13.13 0.39
C GLU A 168 -31.53 -12.11 -0.31
N GLY A 169 -32.35 -11.40 0.45
CA GLY A 169 -33.27 -10.43 -0.10
C GLY A 169 -32.61 -9.23 -0.74
N LEU A 170 -31.30 -9.04 -0.55
CA LEU A 170 -30.56 -7.94 -1.16
C LEU A 170 -29.78 -8.38 -2.39
N LEU A 171 -29.75 -9.68 -2.68
CA LEU A 171 -28.90 -10.19 -3.78
C LEU A 171 -29.39 -9.79 -5.17
N VAL A 172 -28.45 -9.31 -5.97
CA VAL A 172 -28.64 -9.08 -7.38
C VAL A 172 -27.52 -9.78 -8.14
N GLY A 173 -27.64 -9.81 -9.44
CA GLY A 173 -26.54 -10.30 -10.26
C GLY A 173 -25.23 -9.57 -10.08
N LYS A 174 -25.26 -8.27 -9.75
CA LYS A 174 -24.03 -7.49 -9.52
C LYS A 174 -23.55 -7.57 -8.08
N THR A 175 -24.20 -8.40 -7.26
CA THR A 175 -23.65 -8.67 -5.92
C THR A 175 -22.40 -9.55 -6.05
N LYS A 176 -21.24 -8.98 -5.75
CA LYS A 176 -19.97 -9.66 -5.98
C LYS A 176 -19.42 -10.27 -4.68
N ALA A 177 -19.85 -9.72 -3.56
CA ALA A 177 -19.31 -10.16 -2.27
C ALA A 177 -20.19 -9.86 -1.11
N VAL A 178 -20.07 -10.71 -0.09
CA VAL A 178 -20.54 -10.43 1.24
C VAL A 178 -19.30 -10.41 2.14
N LEU A 179 -19.18 -9.37 2.93
CA LEU A 179 -18.06 -9.13 3.81
C LEU A 179 -18.44 -9.46 5.24
N ILE A 180 -17.69 -10.36 5.86
CA ILE A 180 -17.87 -10.72 7.26
C ILE A 180 -16.63 -10.40 8.08
N ASN A 181 -16.85 -9.89 9.28
CA ASN A 181 -15.77 -9.53 10.21
C ASN A 181 -16.05 -10.18 11.56
N SER A 182 -15.44 -11.34 11.78
CA SER A 182 -15.58 -12.13 13.00
C SER A 182 -14.23 -12.69 13.41
N PRO A 183 -13.78 -12.46 14.65
CA PRO A 183 -14.47 -11.64 15.66
C PRO A 183 -14.60 -10.18 15.22
N ASN A 184 -15.63 -9.57 15.74
CA ASN A 184 -16.16 -8.33 15.14
C ASN A 184 -15.64 -7.05 15.80
N ASN A 185 -15.34 -6.07 14.96
CA ASN A 185 -15.09 -4.69 15.43
C ASN A 185 -16.26 -3.90 14.91
N PRO A 186 -17.07 -3.19 15.74
CA PRO A 186 -16.83 -2.83 17.14
C PRO A 186 -17.49 -3.66 18.25
N THR A 187 -18.15 -4.78 17.97
CA THR A 187 -19.00 -5.42 19.01
C THR A 187 -18.34 -6.53 19.80
N GLY A 188 -17.28 -7.10 19.23
CA GLY A 188 -16.66 -8.25 19.83
C GLY A 188 -17.37 -9.57 19.64
N VAL A 189 -18.44 -9.62 18.88
CA VAL A 189 -19.17 -10.87 18.78
C VAL A 189 -18.43 -11.75 17.79
N VAL A 190 -18.64 -13.04 17.91
CA VAL A 190 -18.25 -14.00 16.90
C VAL A 190 -19.49 -14.56 16.21
N TYR A 191 -19.41 -14.74 14.90
CA TYR A 191 -20.50 -15.30 14.13
C TYR A 191 -20.59 -16.81 14.33
N ARG A 192 -21.82 -17.26 14.53
CA ARG A 192 -22.07 -18.65 14.81
C ARG A 192 -21.94 -19.44 13.54
N ARG A 193 -21.57 -20.70 13.75
CA ARG A 193 -21.28 -21.63 12.72
C ARG A 193 -22.44 -21.81 11.75
N GLU A 194 -23.65 -21.88 12.27
CA GLU A 194 -24.84 -22.11 11.45
C GLU A 194 -25.05 -20.94 10.45
N PHE A 195 -24.84 -19.70 10.88
CA PHE A 195 -24.88 -18.58 9.95
C PHE A 195 -23.84 -18.69 8.82
N LEU A 196 -22.59 -19.04 9.20
CA LEU A 196 -21.50 -19.16 8.27
C LEU A 196 -21.76 -20.28 7.29
N GLU A 197 -22.26 -21.42 7.78
CA GLU A 197 -22.61 -22.51 6.90
C GLU A 197 -23.68 -22.08 5.89
N GLY A 198 -24.70 -21.39 6.39
CA GLY A 198 -25.75 -20.84 5.56
C GLY A 198 -25.21 -19.85 4.52
N LEU A 199 -24.27 -19.02 4.93
CA LEU A 199 -23.67 -18.07 4.01
C LEU A 199 -22.94 -18.79 2.89
N VAL A 200 -22.16 -19.81 3.22
CA VAL A 200 -21.40 -20.54 2.22
C VAL A 200 -22.36 -21.19 1.20
N ARG A 201 -23.53 -21.63 1.65
CA ARG A 201 -24.53 -22.24 0.76
C ARG A 201 -25.13 -21.19 -0.20
N LEU A 202 -25.41 -20.01 0.35
CA LEU A 202 -25.96 -18.90 -0.39
C LEU A 202 -24.96 -18.39 -1.43
N ALA A 203 -23.66 -18.43 -1.10
CA ALA A 203 -22.60 -17.97 -1.98
C ALA A 203 -22.52 -18.86 -3.20
N LYS A 204 -22.74 -20.17 -3.00
CA LYS A 204 -22.77 -21.12 -4.14
C LYS A 204 -24.08 -20.97 -4.92
N LYS A 205 -25.20 -20.83 -4.23
CA LYS A 205 -26.50 -20.70 -4.89
C LYS A 205 -26.56 -19.48 -5.83
N ARG A 206 -25.99 -18.37 -5.36
CA ARG A 206 -26.17 -17.06 -5.99
C ARG A 206 -24.88 -16.42 -6.51
N ASN A 207 -23.78 -17.17 -6.43
CA ASN A 207 -22.49 -16.78 -7.01
C ASN A 207 -21.90 -15.47 -6.55
N PHE A 208 -21.48 -15.44 -5.29
CA PHE A 208 -20.68 -14.37 -4.79
C PHE A 208 -19.56 -14.91 -3.92
N TYR A 209 -18.62 -14.04 -3.63
CA TYR A 209 -17.49 -14.31 -2.76
C TYR A 209 -17.82 -13.94 -1.35
N ILE A 210 -17.33 -14.72 -0.42
CA ILE A 210 -17.31 -14.34 0.96
C ILE A 210 -15.91 -13.86 1.28
N ILE A 211 -15.83 -12.62 1.72
CA ILE A 211 -14.60 -12.02 2.13
C ILE A 211 -14.65 -11.93 3.65
N SER A 212 -13.69 -12.62 4.28
CA SER A 212 -13.72 -12.79 5.72
C SER A 212 -12.47 -12.19 6.37
N ASP A 213 -12.71 -11.18 7.19
CA ASP A 213 -11.68 -10.44 7.91
C ASP A 213 -11.57 -11.02 9.33
N GLU A 214 -10.57 -11.88 9.50
CA GLU A 214 -10.37 -12.67 10.70
C GLU A 214 -9.12 -12.23 11.48
N VAL A 215 -8.76 -10.96 11.36
CA VAL A 215 -7.58 -10.41 12.05
C VAL A 215 -7.59 -10.55 13.56
N TYR A 216 -8.77 -10.64 14.18
CA TYR A 216 -8.89 -10.83 15.62
C TYR A 216 -9.06 -12.28 16.04
N ASP A 217 -8.82 -13.24 15.16
CA ASP A 217 -9.12 -14.65 15.47
C ASP A 217 -8.31 -15.24 16.63
N SER A 218 -7.14 -14.67 16.90
CA SER A 218 -6.34 -15.00 18.10
C SER A 218 -6.88 -14.53 19.40
N LEU A 219 -7.48 -13.35 19.36
CA LEU A 219 -8.03 -12.69 20.54
C LEU A 219 -9.46 -13.13 20.75
N VAL A 220 -9.62 -14.35 21.23
CA VAL A 220 -10.93 -14.95 21.45
C VAL A 220 -10.99 -15.49 22.85
N TYR A 221 -12.13 -15.35 23.50
CA TYR A 221 -12.26 -15.62 24.93
C TYR A 221 -13.24 -16.74 25.12
N THR A 222 -13.45 -17.48 24.06
CA THR A 222 -14.47 -18.47 24.03
C THR A 222 -14.04 -19.65 23.14
N ASP A 223 -14.73 -20.78 23.30
CA ASP A 223 -14.57 -21.98 22.48
C ASP A 223 -15.38 -21.92 21.17
N GLU A 224 -16.31 -21.00 21.09
CA GLU A 224 -17.24 -20.90 19.97
C GLU A 224 -16.79 -20.12 18.70
N PHE A 225 -15.53 -19.68 18.61
CA PHE A 225 -15.10 -19.04 17.36
C PHE A 225 -15.09 -20.06 16.17
N THR A 226 -15.79 -19.71 15.07
CA THR A 226 -15.61 -20.47 13.81
C THR A 226 -15.16 -19.59 12.65
N SER A 227 -14.11 -20.03 12.00
CA SER A 227 -13.57 -19.36 10.84
C SER A 227 -14.42 -19.73 9.62
N ILE A 228 -14.50 -18.84 8.67
CA ILE A 228 -14.99 -19.25 7.38
C ILE A 228 -14.27 -20.51 6.85
N LEU A 229 -13.01 -20.72 7.26
CA LEU A 229 -12.26 -21.92 6.83
C LEU A 229 -12.65 -23.23 7.55
N ASP A 230 -13.36 -23.11 8.69
CA ASP A 230 -14.02 -24.22 9.32
C ASP A 230 -15.23 -24.74 8.57
N VAL A 231 -15.84 -23.90 7.73
CA VAL A 231 -17.10 -24.26 7.04
C VAL A 231 -17.09 -24.29 5.51
N SER A 232 -15.94 -23.98 4.92
CA SER A 232 -15.84 -23.91 3.48
C SER A 232 -14.91 -25.04 3.09
N GLU A 233 -15.08 -25.53 1.87
CA GLU A 233 -14.16 -26.50 1.26
C GLU A 233 -13.47 -25.75 0.12
N GLY A 234 -12.18 -25.53 0.22
CA GLY A 234 -11.50 -24.82 -0.85
C GLY A 234 -11.81 -23.32 -0.85
N PHE A 235 -11.23 -22.64 -1.83
CA PHE A 235 -11.18 -21.19 -1.84
C PHE A 235 -11.82 -20.59 -3.09
N ASP A 236 -12.59 -21.34 -3.87
CA ASP A 236 -13.10 -20.76 -5.12
C ASP A 236 -13.98 -19.51 -4.93
N ARG A 237 -14.73 -19.46 -3.81
CA ARG A 237 -15.57 -18.30 -3.45
C ARG A 237 -15.17 -17.66 -2.12
N ILE A 238 -13.97 -17.94 -1.61
CA ILE A 238 -13.56 -17.48 -0.34
C ILE A 238 -12.33 -16.59 -0.43
N VAL A 239 -12.39 -15.45 0.21
CA VAL A 239 -11.24 -14.57 0.30
C VAL A 239 -10.97 -14.42 1.79
N TYR A 240 -9.86 -15.00 2.24
CA TYR A 240 -9.51 -15.03 3.66
C TYR A 240 -8.48 -13.96 3.99
N ILE A 241 -8.79 -13.10 4.91
CA ILE A 241 -7.91 -11.99 5.28
C ILE A 241 -7.50 -12.03 6.76
N ASN A 242 -6.19 -11.90 6.98
CA ASN A 242 -5.61 -11.96 8.32
C ASN A 242 -4.29 -11.16 8.30
N GLY A 243 -3.56 -11.20 9.40
CA GLY A 243 -2.33 -10.43 9.52
C GLY A 243 -1.80 -10.49 10.91
N PHE A 244 -0.71 -9.73 11.14
CA PHE A 244 0.09 -9.79 12.36
C PHE A 244 -0.22 -8.64 13.28
N SER A 245 -1.04 -7.70 12.83
CA SER A 245 -1.26 -6.47 13.58
C SER A 245 -1.83 -6.70 14.97
N LYS A 246 -2.88 -7.51 15.06
CA LYS A 246 -3.59 -7.74 16.32
C LYS A 246 -3.03 -8.92 17.07
N SER A 247 -2.79 -10.01 16.36
CA SER A 247 -2.30 -11.22 16.96
C SER A 247 -0.96 -11.02 17.66
N HIS A 248 -0.08 -10.20 17.09
CA HIS A 248 1.24 -10.00 17.63
C HIS A 248 1.53 -8.57 18.05
N SER A 249 0.51 -7.73 18.17
CA SER A 249 0.72 -6.33 18.44
C SER A 249 1.82 -5.68 17.54
N MET A 250 1.67 -5.89 16.24
CA MET A 250 2.61 -5.43 15.23
C MET A 250 1.95 -4.43 14.26
N THR A 251 1.02 -3.62 14.75
CA THR A 251 0.29 -2.69 13.88
C THR A 251 1.14 -1.79 13.01
N GLY A 252 2.17 -1.18 13.55
CA GLY A 252 3.00 -0.26 12.78
C GLY A 252 3.92 -0.89 11.74
N TRP A 253 4.05 -2.23 11.75
CA TRP A 253 4.82 -2.97 10.75
C TRP A 253 4.12 -3.00 9.41
N ARG A 254 2.79 -3.00 9.43
CA ARG A 254 1.94 -3.05 8.24
C ARG A 254 2.19 -4.35 7.44
N VAL A 255 1.91 -5.46 8.11
CA VAL A 255 1.99 -6.79 7.49
C VAL A 255 0.71 -7.54 7.70
N GLY A 256 0.10 -7.87 6.57
CA GLY A 256 -1.08 -8.68 6.49
C GLY A 256 -1.04 -9.54 5.26
N TYR A 257 -2.08 -10.32 5.02
CA TYR A 257 -2.13 -11.18 3.87
C TYR A 257 -3.55 -11.56 3.50
N LEU A 258 -3.67 -12.00 2.26
CA LEU A 258 -4.88 -12.50 1.69
C LEU A 258 -4.57 -13.91 1.20
N ILE A 259 -5.49 -14.83 1.48
CA ILE A 259 -5.51 -16.14 0.90
C ILE A 259 -6.79 -16.39 0.14
N SER A 260 -6.65 -16.90 -1.07
CA SER A 260 -7.82 -17.20 -1.87
C SER A 260 -7.47 -18.32 -2.88
N SER A 261 -8.29 -18.47 -3.91
CA SER A 261 -7.93 -19.29 -5.05
C SER A 261 -6.69 -18.71 -5.70
N GLU A 262 -6.01 -19.53 -6.46
CA GLU A 262 -4.89 -19.08 -7.26
C GLU A 262 -5.30 -17.99 -8.25
N LYS A 263 -6.47 -18.11 -8.84
CA LYS A 263 -6.97 -17.10 -9.77
C LYS A 263 -7.15 -15.71 -9.05
N VAL A 264 -7.77 -15.73 -7.89
CA VAL A 264 -7.97 -14.48 -7.13
C VAL A 264 -6.65 -13.89 -6.64
N ALA A 265 -5.78 -14.74 -6.13
CA ALA A 265 -4.50 -14.34 -5.60
C ALA A 265 -3.64 -13.70 -6.73
N THR A 266 -3.70 -14.22 -7.94
CA THR A 266 -3.01 -13.64 -9.09
C THR A 266 -3.52 -12.24 -9.44
N ALA A 267 -4.82 -12.03 -9.42
CA ALA A 267 -5.42 -10.71 -9.62
C ALA A 267 -5.02 -9.76 -8.50
N VAL A 268 -5.07 -10.24 -7.25
CA VAL A 268 -4.69 -9.45 -6.10
C VAL A 268 -3.22 -9.09 -6.15
N SER A 269 -2.39 -9.96 -6.68
CA SER A 269 -0.95 -9.80 -6.82
C SER A 269 -0.60 -8.68 -7.83
N LYS A 270 -1.36 -8.63 -8.91
CA LYS A 270 -1.34 -7.56 -9.89
C LYS A 270 -1.63 -6.18 -9.27
N ILE A 271 -2.68 -6.10 -8.48
CA ILE A 271 -3.02 -4.87 -7.81
C ILE A 271 -1.84 -4.47 -6.86
N GLN A 272 -1.40 -5.40 -5.99
CA GLN A 272 -0.30 -5.12 -5.05
C GLN A 272 0.90 -4.62 -5.78
N SER A 273 1.17 -5.26 -6.89
CA SER A 273 2.36 -4.99 -7.65
C SER A 273 2.37 -3.59 -8.21
N HIS A 274 1.23 -3.14 -8.74
CA HIS A 274 1.19 -1.87 -9.43
C HIS A 274 0.89 -0.70 -8.54
N THR A 275 0.41 -0.97 -7.32
CA THR A 275 0.04 0.08 -6.38
C THR A 275 1.14 0.44 -5.40
N THR A 276 1.57 -0.49 -4.56
CA THR A 276 2.67 -0.26 -3.63
C THR A 276 3.93 -1.04 -3.98
N SER A 277 3.79 -1.98 -4.89
CA SER A 277 4.71 -3.11 -4.98
C SER A 277 4.84 -3.90 -3.66
N CYS A 278 5.95 -4.60 -3.53
CA CYS A 278 6.25 -5.38 -2.32
C CYS A 278 6.22 -4.52 -1.08
N ILE A 279 5.93 -5.18 0.03
CA ILE A 279 5.96 -4.49 1.30
C ILE A 279 7.38 -4.38 1.85
N ASN A 280 7.54 -3.51 2.84
CA ASN A 280 8.80 -3.32 3.55
C ASN A 280 9.50 -4.69 3.83
N THR A 281 10.73 -4.81 3.35
CA THR A 281 11.46 -6.08 3.41
C THR A 281 11.73 -6.48 4.85
N VAL A 282 12.08 -5.50 5.70
CA VAL A 282 12.34 -5.77 7.11
C VAL A 282 11.08 -6.38 7.74
N ALA A 283 9.91 -5.80 7.43
CA ALA A 283 8.62 -6.25 7.91
C ALA A 283 8.33 -7.69 7.51
N GLN A 284 8.77 -8.09 6.32
CA GLN A 284 8.54 -9.43 5.85
C GLN A 284 9.33 -10.43 6.70
N TYR A 285 10.60 -10.12 6.98
CA TYR A 285 11.38 -10.99 7.84
C TYR A 285 10.89 -10.97 9.29
N ALA A 286 10.42 -9.81 9.73
CA ALA A 286 9.78 -9.72 11.03
C ALA A 286 8.56 -10.67 11.12
N ALA A 287 7.68 -10.60 10.12
CA ALA A 287 6.47 -11.44 10.08
C ALA A 287 6.80 -12.94 10.01
N LEU A 288 7.84 -13.28 9.25
CA LEU A 288 8.28 -14.66 9.16
C LEU A 288 8.61 -15.23 10.57
N LYS A 289 9.38 -14.46 11.35
CA LYS A 289 9.69 -14.82 12.72
C LYS A 289 8.43 -14.80 13.57
N ALA A 290 7.53 -13.84 13.38
CA ALA A 290 6.30 -13.74 14.18
C ALA A 290 5.41 -14.99 14.11
N LEU A 291 5.42 -15.71 12.98
CA LEU A 291 4.75 -17.01 12.86
C LEU A 291 5.17 -18.02 13.91
N GLU A 292 6.40 -17.95 14.41
CA GLU A 292 6.89 -18.88 15.41
C GLU A 292 6.67 -18.42 16.85
N VAL A 293 6.13 -17.22 17.03
CA VAL A 293 6.00 -16.58 18.33
C VAL A 293 4.63 -16.86 18.98
N ASP A 294 4.66 -17.16 20.26
CA ASP A 294 3.44 -17.41 21.00
C ASP A 294 2.92 -16.09 21.57
N ASN A 295 1.65 -15.81 21.36
CA ASN A 295 0.97 -14.63 21.90
C ASN A 295 0.02 -14.93 23.06
N SER A 296 0.12 -16.11 23.68
CA SER A 296 -0.81 -16.51 24.72
C SER A 296 -0.86 -15.54 25.88
N TYR A 297 0.28 -14.98 26.28
CA TYR A 297 0.30 -14.04 27.43
C TYR A 297 -0.55 -12.81 27.16
N MET A 298 -0.44 -12.29 25.96
CA MET A 298 -1.21 -11.12 25.58
C MET A 298 -2.72 -11.47 25.51
N VAL A 299 -3.06 -12.61 24.92
CA VAL A 299 -4.45 -13.06 24.85
C VAL A 299 -5.09 -13.23 26.24
N GLN A 300 -4.39 -13.88 27.14
CA GLN A 300 -4.83 -14.04 28.53
C GLN A 300 -4.98 -12.69 29.27
N THR A 301 -4.10 -11.74 28.99
CA THR A 301 -4.21 -10.40 29.56
C THR A 301 -5.49 -9.73 29.11
N PHE A 302 -5.76 -9.79 27.80
CA PHE A 302 -6.98 -9.25 27.21
C PHE A 302 -8.24 -9.93 27.75
N LYS A 303 -8.19 -11.24 27.93
CA LYS A 303 -9.28 -12.00 28.51
C LYS A 303 -9.62 -11.52 29.90
N GLU A 304 -8.61 -11.33 30.73
CA GLU A 304 -8.84 -10.80 32.08
C GLU A 304 -9.38 -9.38 32.06
N ARG A 305 -8.85 -8.51 31.19
CA ARG A 305 -9.43 -7.18 31.03
C ARG A 305 -10.86 -7.26 30.58
N LYS A 306 -11.18 -8.13 29.62
CA LYS A 306 -12.55 -8.36 29.17
C LYS A 306 -13.47 -8.72 30.33
N ASN A 307 -13.06 -9.68 31.18
CA ASN A 307 -13.88 -10.13 32.31
C ASN A 307 -14.13 -9.01 33.32
N PHE A 308 -13.12 -8.18 33.51
CA PHE A 308 -13.18 -7.09 34.45
C PHE A 308 -14.15 -5.99 34.00
N VAL A 309 -14.06 -5.61 32.73
CA VAL A 309 -14.89 -4.53 32.20
C VAL A 309 -16.37 -4.97 32.12
N VAL A 310 -16.59 -6.22 31.72
CA VAL A 310 -17.94 -6.78 31.64
C VAL A 310 -18.60 -6.74 33.01
N GLU A 311 -17.85 -7.17 34.01
CA GLU A 311 -18.35 -7.30 35.38
C GLU A 311 -18.70 -5.92 35.93
N ARG A 312 -17.81 -4.97 35.71
CA ARG A 312 -18.01 -3.61 36.16
C ARG A 312 -19.18 -2.91 35.43
N LEU A 313 -19.25 -3.04 34.12
CA LEU A 313 -20.36 -2.43 33.37
C LEU A 313 -21.72 -3.07 33.69
N LYS A 314 -21.73 -4.39 33.80
CA LYS A 314 -22.91 -5.15 34.20
C LYS A 314 -23.42 -4.67 35.58
N LYS A 315 -22.53 -4.52 36.54
CA LYS A 315 -22.89 -4.02 37.88
C LYS A 315 -23.46 -2.61 37.86
N MET A 316 -22.97 -1.76 36.97
CA MET A 316 -23.48 -0.39 36.91
C MET A 316 -24.75 -0.28 36.04
N GLY A 317 -25.25 -1.38 35.51
CA GLY A 317 -26.52 -1.39 34.79
C GLY A 317 -26.43 -1.02 33.31
N VAL A 318 -25.23 -1.13 32.73
CA VAL A 318 -24.99 -0.80 31.34
C VAL A 318 -25.35 -2.01 30.45
N LYS A 319 -25.96 -1.73 29.30
CA LYS A 319 -26.39 -2.80 28.39
C LYS A 319 -25.44 -2.93 27.23
N PHE A 320 -25.12 -4.19 26.95
CA PHE A 320 -24.15 -4.57 25.98
C PHE A 320 -24.20 -6.08 25.91
N VAL A 321 -23.59 -6.59 24.86
CA VAL A 321 -23.32 -8.01 24.64
C VAL A 321 -21.83 -8.27 25.02
N GLU A 322 -21.59 -9.32 25.82
CA GLU A 322 -20.23 -9.63 26.27
C GLU A 322 -19.43 -9.95 25.03
N PRO A 323 -18.30 -9.30 24.85
CA PRO A 323 -17.44 -9.60 23.69
C PRO A 323 -16.88 -11.03 23.79
N GLU A 324 -16.83 -11.70 22.66
CA GLU A 324 -16.28 -13.03 22.57
C GLU A 324 -14.86 -13.03 21.96
N GLY A 325 -14.48 -11.88 21.44
CA GLY A 325 -13.20 -11.69 20.82
C GLY A 325 -12.92 -10.22 20.59
N ALA A 326 -11.72 -9.92 20.03
CA ALA A 326 -11.18 -8.56 19.85
C ALA A 326 -11.10 -7.85 21.19
N PHE A 327 -10.94 -6.54 21.19
CA PHE A 327 -10.75 -5.85 22.47
C PHE A 327 -11.64 -4.62 22.59
N TYR A 328 -12.86 -4.78 22.09
CA TYR A 328 -13.93 -3.79 22.13
C TYR A 328 -15.15 -4.27 22.88
N LEU A 329 -15.85 -3.30 23.47
CA LEU A 329 -17.14 -3.50 24.06
C LEU A 329 -18.05 -2.35 23.58
N PHE A 330 -19.23 -2.70 23.15
CA PHE A 330 -20.07 -1.77 22.40
C PHE A 330 -21.36 -1.61 23.21
N PHE A 331 -21.43 -0.56 23.98
CA PHE A 331 -22.57 -0.47 24.90
C PHE A 331 -23.56 0.63 24.57
N LYS A 332 -24.80 0.45 25.04
CA LYS A 332 -25.89 1.39 24.78
C LYS A 332 -25.81 2.68 25.56
N VAL A 333 -26.17 3.77 24.88
CA VAL A 333 -26.34 5.04 25.54
C VAL A 333 -27.65 5.66 25.09
N ARG A 334 -28.19 6.53 25.95
CA ARG A 334 -29.40 7.26 25.66
C ARG A 334 -28.95 8.54 24.98
N GLY A 335 -29.68 8.89 23.92
CA GLY A 335 -29.49 10.12 23.20
C GLY A 335 -28.50 10.01 22.07
N ASP A 336 -27.89 11.14 21.78
CA ASP A 336 -26.93 11.26 20.69
C ASP A 336 -25.56 10.77 21.18
N ASP A 337 -25.10 9.63 20.67
CA ASP A 337 -23.79 9.06 21.07
C ASP A 337 -22.59 9.93 20.76
N VAL A 338 -22.67 10.81 19.74
CA VAL A 338 -21.54 11.75 19.50
C VAL A 338 -21.46 12.73 20.69
N LYS A 339 -22.60 13.27 21.09
CA LYS A 339 -22.66 14.19 22.23
C LYS A 339 -22.28 13.49 23.52
N PHE A 340 -22.71 12.26 23.70
CA PHE A 340 -22.27 11.46 24.86
C PHE A 340 -20.74 11.45 24.95
N CYS A 341 -20.09 11.04 23.86
CA CYS A 341 -18.63 10.99 23.82
C CYS A 341 -17.95 12.32 24.01
N GLU A 342 -18.50 13.38 23.39
CA GLU A 342 -17.95 14.73 23.54
C GLU A 342 -18.01 15.22 24.98
N ARG A 343 -19.15 14.99 25.63
CA ARG A 343 -19.35 15.38 27.03
C ARG A 343 -18.54 14.55 28.02
N LEU A 344 -18.51 13.22 27.83
CA LEU A 344 -17.71 12.34 28.65
C LEU A 344 -16.23 12.77 28.58
N LEU A 345 -15.76 13.07 27.37
CA LEU A 345 -14.39 13.49 27.22
C LEU A 345 -14.13 14.80 27.94
N GLU A 346 -14.96 15.80 27.67
CA GLU A 346 -14.76 17.13 28.23
C GLU A 346 -14.88 17.13 29.75
N GLU A 347 -15.87 16.41 30.29
CA GLU A 347 -16.15 16.40 31.72
C GLU A 347 -15.35 15.38 32.54
N LYS A 348 -15.13 14.20 32.01
CA LYS A 348 -14.46 13.13 32.76
C LYS A 348 -13.10 12.75 32.15
N LYS A 349 -12.76 13.34 31.00
CA LYS A 349 -11.49 13.09 30.38
C LYS A 349 -11.34 11.58 30.14
N VAL A 350 -12.42 10.97 29.65
CA VAL A 350 -12.39 9.62 29.11
C VAL A 350 -12.87 9.65 27.66
N ALA A 351 -12.06 9.08 26.77
CA ALA A 351 -12.39 9.04 25.34
C ALA A 351 -12.96 7.70 24.90
N LEU A 352 -14.18 7.72 24.35
CA LEU A 352 -14.84 6.58 23.70
C LEU A 352 -15.17 6.97 22.26
N VAL A 353 -15.49 5.99 21.43
CA VAL A 353 -15.82 6.26 20.06
C VAL A 353 -17.35 6.16 19.90
N PRO A 354 -17.99 7.14 19.26
CA PRO A 354 -19.43 7.08 19.02
C PRO A 354 -19.84 5.95 18.10
N GLY A 355 -20.88 5.22 18.48
CA GLY A 355 -21.39 4.12 17.65
C GLY A 355 -21.79 4.53 16.25
N SER A 356 -22.22 5.77 16.09
CA SER A 356 -22.47 6.44 14.80
C SER A 356 -21.37 6.29 13.75
N ALA A 357 -20.13 6.29 14.21
CA ALA A 357 -18.97 6.06 13.35
C ALA A 357 -19.06 4.68 12.69
N PHE A 358 -19.73 3.75 13.34
CA PHE A 358 -19.94 2.39 12.82
C PHE A 358 -21.36 2.17 12.29
N LEU A 359 -22.09 3.24 12.07
CA LEU A 359 -23.44 3.23 11.53
C LEU A 359 -24.45 2.62 12.51
N LYS A 360 -24.15 2.73 13.79
CA LYS A 360 -25.06 2.27 14.82
C LYS A 360 -25.19 3.30 15.91
N PRO A 361 -26.01 4.33 15.68
CA PRO A 361 -26.24 5.35 16.70
C PRO A 361 -26.90 4.73 17.96
N GLY A 362 -26.77 5.40 19.10
CA GLY A 362 -27.23 4.88 20.37
C GLY A 362 -26.32 3.90 21.09
N PHE A 363 -25.10 3.74 20.59
CA PHE A 363 -24.04 2.92 21.17
C PHE A 363 -22.73 3.71 21.19
N VAL A 364 -21.81 3.25 22.02
CA VAL A 364 -20.44 3.72 22.04
C VAL A 364 -19.47 2.54 22.15
N ARG A 365 -18.29 2.70 21.58
CA ARG A 365 -17.24 1.68 21.62
C ARG A 365 -16.17 2.03 22.64
N LEU A 366 -15.97 1.13 23.59
CA LEU A 366 -14.88 1.17 24.53
C LEU A 366 -13.81 0.10 24.19
N SER A 367 -12.56 0.53 24.16
CA SER A 367 -11.42 -0.35 23.93
C SER A 367 -10.79 -0.65 25.27
N PHE A 368 -10.45 -1.93 25.47
CA PHE A 368 -9.71 -2.37 26.65
C PHE A 368 -8.26 -2.79 26.33
N ALA A 369 -7.61 -2.05 25.43
CA ALA A 369 -6.18 -2.12 25.19
C ALA A 369 -5.48 -1.14 26.15
N THR A 370 -5.79 -1.26 27.44
CA THR A 370 -5.18 -0.51 28.52
C THR A 370 -5.21 -1.34 29.80
N SER A 371 -4.39 -0.95 30.77
CA SER A 371 -4.25 -1.72 31.98
C SER A 371 -5.56 -1.73 32.80
N ILE A 372 -5.74 -2.74 33.62
CA ILE A 372 -6.85 -2.79 34.56
C ILE A 372 -6.89 -1.56 35.49
N GLU A 373 -5.75 -1.05 35.91
CA GLU A 373 -5.70 0.14 36.78
C GLU A 373 -6.38 1.36 36.11
N ARG A 374 -6.03 1.59 34.85
CA ARG A 374 -6.59 2.67 34.06
C ARG A 374 -8.05 2.42 33.70
N LEU A 375 -8.38 1.17 33.36
CA LEU A 375 -9.77 0.76 33.11
C LEU A 375 -10.61 0.98 34.35
N THR A 376 -10.05 0.68 35.52
CA THR A 376 -10.77 0.84 36.78
C THR A 376 -11.13 2.31 36.99
N GLU A 377 -10.15 3.19 36.82
CA GLU A 377 -10.37 4.62 36.98
C GLU A 377 -11.36 5.17 35.91
N ALA A 378 -11.21 4.75 34.65
CA ALA A 378 -12.11 5.19 33.56
C ALA A 378 -13.53 4.78 33.85
N LEU A 379 -13.71 3.53 34.28
CA LEU A 379 -15.03 3.02 34.65
C LEU A 379 -15.66 3.76 35.84
N ASP A 380 -14.86 4.12 36.85
CA ASP A 380 -15.33 4.95 37.95
C ASP A 380 -15.86 6.26 37.43
N ARG A 381 -15.13 6.84 36.49
CA ARG A 381 -15.50 8.10 35.90
C ARG A 381 -16.75 7.95 35.05
N ILE A 382 -16.86 6.85 34.30
CA ILE A 382 -18.06 6.57 33.53
C ILE A 382 -19.28 6.35 34.44
N GLU A 383 -19.10 5.62 35.52
CA GLU A 383 -20.17 5.41 36.47
C GLU A 383 -20.70 6.73 37.07
N ASP A 384 -19.79 7.62 37.45
CA ASP A 384 -20.19 8.95 37.95
C ASP A 384 -20.94 9.72 36.91
N PHE A 385 -20.41 9.75 35.68
CA PHE A 385 -21.02 10.46 34.56
C PHE A 385 -22.47 10.00 34.29
N LEU A 386 -22.71 8.71 34.39
CA LEU A 386 -24.02 8.12 34.10
C LEU A 386 -25.02 8.36 35.25
N ASN A 387 -24.47 8.57 36.45
CA ASN A 387 -25.22 8.87 37.65
C ASN A 387 -25.28 10.37 37.96
N SER A 388 -24.90 11.20 36.99
CA SER A 388 -24.75 12.64 37.18
C SER A 388 -24.16 13.08 38.54
N LYS B 5 -29.19 -37.67 -11.93
CA LYS B 5 -28.58 -36.43 -11.29
C LYS B 5 -28.35 -35.28 -12.32
N ILE B 6 -27.95 -34.12 -11.75
CA ILE B 6 -28.01 -32.77 -12.37
C ILE B 6 -26.72 -32.03 -12.00
N HIS B 7 -25.92 -31.68 -13.01
CA HIS B 7 -24.64 -31.04 -12.74
C HIS B 7 -24.72 -29.61 -13.14
N HIS B 8 -24.28 -28.76 -12.21
CA HIS B 8 -24.16 -27.33 -12.38
C HIS B 8 -22.67 -26.90 -12.28
N HIS B 9 -22.33 -25.84 -13.00
CA HIS B 9 -20.95 -25.32 -13.13
C HIS B 9 -20.96 -23.81 -12.93
N HIS B 10 -19.98 -23.29 -12.18
CA HIS B 10 -19.91 -21.88 -11.74
C HIS B 10 -18.65 -21.21 -12.26
N HIS B 11 -18.78 -19.98 -12.74
CA HIS B 11 -17.64 -19.13 -13.10
C HIS B 11 -17.10 -18.45 -11.86
N HIS B 12 -15.80 -18.18 -11.89
CA HIS B 12 -15.14 -17.48 -10.79
C HIS B 12 -14.41 -16.28 -11.41
N MET B 13 -15.17 -15.18 -11.47
CA MET B 13 -14.82 -13.96 -12.21
C MET B 13 -14.09 -13.00 -11.32
N VAL B 14 -13.07 -12.36 -11.88
CA VAL B 14 -12.38 -11.26 -11.27
C VAL B 14 -12.77 -10.00 -12.05
N SER B 15 -12.46 -8.82 -11.55
CA SER B 15 -12.86 -7.59 -12.23
C SER B 15 -12.22 -7.48 -13.62
N ARG B 16 -12.98 -6.92 -14.55
CA ARG B 16 -12.51 -6.69 -15.91
C ARG B 16 -11.29 -5.80 -15.99
N ARG B 17 -11.14 -4.86 -15.07
CA ARG B 17 -9.98 -3.94 -15.09
C ARG B 17 -8.63 -4.68 -15.00
N ILE B 18 -8.60 -5.87 -14.39
CA ILE B 18 -7.37 -6.66 -14.24
C ILE B 18 -6.88 -7.12 -15.61
N SER B 19 -7.83 -7.51 -16.47
CA SER B 19 -7.59 -7.85 -17.88
C SER B 19 -7.05 -6.67 -18.63
N GLU B 20 -7.66 -5.52 -18.39
CA GLU B 20 -7.28 -4.27 -19.06
C GLU B 20 -5.84 -3.85 -18.78
N ILE B 21 -5.19 -4.44 -17.77
CA ILE B 21 -3.81 -4.13 -17.47
C ILE B 21 -2.90 -4.80 -18.49
N PRO B 22 -1.96 -4.06 -19.09
CA PRO B 22 -1.07 -4.68 -20.08
C PRO B 22 -0.27 -5.88 -19.52
N ILE B 23 -0.06 -6.89 -20.36
CA ILE B 23 0.69 -8.10 -19.99
C ILE B 23 2.19 -7.76 -19.84
N SER B 24 2.83 -8.41 -18.88
CA SER B 24 4.29 -8.36 -18.74
C SER B 24 5.02 -8.91 -19.98
N LYS B 25 5.91 -8.09 -20.56
CA LYS B 25 6.87 -8.57 -21.60
C LYS B 25 8.18 -9.07 -20.97
N THR B 26 8.22 -9.02 -19.64
CA THR B 26 9.44 -9.08 -18.85
C THR B 26 9.49 -10.26 -17.86
N MET B 27 8.33 -10.81 -17.48
CA MET B 27 8.23 -11.86 -16.45
C MET B 27 8.86 -13.19 -16.89
N GLU B 28 8.81 -13.47 -18.19
CA GLU B 28 9.39 -14.69 -18.73
C GLU B 28 10.94 -14.57 -18.79
N LEU B 29 11.44 -13.39 -19.19
CA LEU B 29 12.89 -13.14 -19.25
C LEU B 29 13.58 -13.18 -17.89
N ASP B 30 12.91 -12.72 -16.84
CA ASP B 30 13.45 -12.78 -15.46
C ASP B 30 13.52 -14.21 -14.95
N ALA B 31 12.49 -14.99 -15.26
CA ALA B 31 12.44 -16.43 -14.95
C ALA B 31 13.55 -17.18 -15.71
N LYS B 32 13.79 -16.76 -16.95
CA LYS B 32 14.86 -17.32 -17.75
C LYS B 32 16.24 -17.04 -17.13
N ALA B 33 16.47 -15.80 -16.72
CA ALA B 33 17.72 -15.40 -16.04
C ALA B 33 17.93 -16.20 -14.75
N LYS B 34 16.92 -16.25 -13.89
CA LYS B 34 16.96 -17.02 -12.62
C LYS B 34 17.23 -18.52 -12.80
N ALA B 35 16.68 -19.10 -13.87
CA ALA B 35 16.88 -20.49 -14.22
C ALA B 35 18.30 -20.78 -14.68
N LEU B 36 18.87 -19.86 -15.45
CA LEU B 36 20.29 -19.97 -15.84
C LEU B 36 21.21 -19.90 -14.60
N ILE B 37 20.90 -18.99 -13.68
CA ILE B 37 21.63 -18.89 -12.42
C ILE B 37 21.57 -20.21 -11.64
N LYS B 38 20.36 -20.72 -11.39
CA LYS B 38 20.19 -21.97 -10.64
C LYS B 38 20.87 -23.22 -11.26
N LYS B 39 21.26 -23.20 -12.53
CA LYS B 39 22.08 -24.30 -13.06
C LYS B 39 23.59 -23.95 -13.27
N GLY B 40 24.10 -23.07 -12.41
CA GLY B 40 25.51 -22.70 -12.39
C GLY B 40 26.01 -21.83 -13.55
N GLU B 41 25.16 -21.00 -14.12
CA GLU B 41 25.60 -20.12 -15.19
C GLU B 41 25.95 -18.73 -14.63
N ASP B 42 26.94 -18.11 -15.28
CA ASP B 42 27.43 -16.79 -14.88
C ASP B 42 26.65 -15.69 -15.59
N VAL B 43 25.44 -15.46 -15.11
CA VAL B 43 24.57 -14.45 -15.70
C VAL B 43 24.95 -13.08 -15.15
N ILE B 44 25.29 -12.15 -16.04
CA ILE B 44 25.42 -10.75 -15.67
C ILE B 44 24.06 -10.10 -15.95
N ASN B 45 23.41 -9.66 -14.90
CA ASN B 45 22.03 -9.20 -14.97
C ASN B 45 22.01 -7.70 -14.92
N LEU B 46 21.78 -7.09 -16.07
CA LEU B 46 21.72 -5.65 -16.21
C LEU B 46 20.30 -5.14 -16.38
N THR B 47 19.35 -5.75 -15.68
CA THR B 47 17.94 -5.32 -15.72
C THR B 47 17.47 -4.57 -14.49
N ALA B 48 18.32 -4.44 -13.45
CA ALA B 48 17.87 -3.92 -12.17
C ALA B 48 17.24 -2.53 -12.28
N GLY B 49 16.14 -2.36 -11.55
CA GLY B 49 15.57 -1.06 -11.30
C GLY B 49 15.91 -0.45 -9.95
N GLU B 50 16.98 -0.93 -9.30
CA GLU B 50 17.39 -0.42 -7.98
C GLU B 50 18.90 -0.35 -7.85
N PRO B 51 19.40 0.64 -7.11
CA PRO B 51 20.85 0.77 -6.91
C PRO B 51 21.43 -0.44 -6.18
N ASP B 52 22.68 -0.74 -6.48
CA ASP B 52 23.38 -1.85 -5.86
C ASP B 52 24.17 -1.39 -4.62
N PHE B 53 23.63 -0.46 -3.87
CA PHE B 53 24.30 0.05 -2.70
C PHE B 53 23.42 -0.41 -1.53
N PRO B 54 24.00 -0.52 -0.35
CA PRO B 54 23.21 -0.85 0.85
C PRO B 54 22.47 0.38 1.26
N THR B 55 21.52 0.20 2.15
CA THR B 55 20.98 1.29 2.95
C THR B 55 22.13 1.98 3.68
N PRO B 56 22.23 3.30 3.65
CA PRO B 56 23.32 3.97 4.36
C PRO B 56 23.36 3.59 5.83
N GLU B 57 24.55 3.34 6.35
CA GLU B 57 24.66 2.84 7.69
C GLU B 57 24.01 3.75 8.74
N PRO B 58 24.07 5.07 8.62
CA PRO B 58 23.39 5.90 9.63
C PRO B 58 21.90 5.65 9.68
N VAL B 59 21.32 5.31 8.54
CA VAL B 59 19.90 5.00 8.44
C VAL B 59 19.62 3.66 9.12
N VAL B 60 20.43 2.64 8.84
CA VAL B 60 20.35 1.37 9.56
C VAL B 60 20.43 1.58 11.07
N GLU B 61 21.41 2.36 11.53
CA GLU B 61 21.63 2.58 12.96
C GLU B 61 20.43 3.24 13.63
N GLU B 62 19.89 4.28 13.03
CA GLU B 62 18.64 4.90 13.53
C GLU B 62 17.44 3.94 13.57
N ALA B 63 17.28 3.15 12.51
CA ALA B 63 16.19 2.18 12.45
C ALA B 63 16.32 1.17 13.59
N VAL B 64 17.53 0.70 13.86
CA VAL B 64 17.81 -0.28 14.92
C VAL B 64 17.54 0.33 16.29
N ARG B 65 17.99 1.55 16.48
CA ARG B 65 17.76 2.26 17.73
C ARG B 65 16.27 2.40 18.01
N PHE B 66 15.50 2.87 17.02
CA PHE B 66 14.05 2.91 17.12
C PHE B 66 13.43 1.54 17.45
N LEU B 67 13.86 0.54 16.69
CA LEU B 67 13.39 -0.84 16.84
C LEU B 67 13.57 -1.41 18.23
N GLN B 68 14.71 -1.13 18.83
CA GLN B 68 15.05 -1.76 20.08
C GLN B 68 14.18 -1.33 21.25
N LYS B 69 13.49 -0.21 21.07
CA LYS B 69 12.49 0.24 22.03
C LYS B 69 11.20 -0.64 21.94
N GLY B 70 11.01 -1.33 20.81
CA GLY B 70 9.95 -2.31 20.66
C GLY B 70 8.55 -1.79 20.35
N GLU B 71 8.38 -0.47 20.19
CA GLU B 71 7.10 0.13 19.95
C GLU B 71 6.95 0.49 18.49
N VAL B 72 6.18 -0.31 17.76
CA VAL B 72 5.99 -0.17 16.33
C VAL B 72 4.48 -0.14 16.12
N LYS B 73 3.96 1.08 16.11
CA LYS B 73 2.56 1.33 16.25
C LYS B 73 2.07 2.23 15.16
N TYR B 74 0.74 2.30 15.05
CA TYR B 74 0.14 3.14 14.04
C TYR B 74 0.62 4.60 14.21
N THR B 75 0.76 5.30 13.09
CA THR B 75 0.99 6.75 13.07
C THR B 75 -0.13 7.44 12.28
N ASP B 76 -0.08 8.77 12.25
CA ASP B 76 -0.87 9.59 11.34
C ASP B 76 -0.78 8.94 9.95
N PRO B 77 -1.90 8.65 9.31
CA PRO B 77 -1.88 8.00 7.98
C PRO B 77 -1.09 8.75 6.89
N ARG B 78 -0.98 10.07 7.00
CA ARG B 78 -0.20 10.83 6.02
C ARG B 78 1.28 10.83 6.31
N GLY B 79 1.70 10.23 7.41
CA GLY B 79 3.08 10.19 7.84
C GLY B 79 3.28 11.02 9.09
N ILE B 80 4.26 10.63 9.92
CA ILE B 80 4.53 11.38 11.15
C ILE B 80 4.90 12.81 10.80
N TYR B 81 4.46 13.76 11.61
CA TYR B 81 4.64 15.18 11.36
C TYR B 81 6.08 15.53 11.07
N GLU B 82 6.98 14.96 11.86
CA GLU B 82 8.41 15.26 11.77
C GLU B 82 9.01 14.89 10.39
N LEU B 83 8.53 13.79 9.82
CA LEU B 83 8.98 13.36 8.50
C LEU B 83 8.39 14.30 7.43
N ARG B 84 7.11 14.62 7.56
CA ARG B 84 6.50 15.53 6.61
C ARG B 84 7.15 16.91 6.64
N GLU B 85 7.43 17.41 7.85
CA GLU B 85 8.10 18.67 8.05
C GLU B 85 9.52 18.62 7.50
N GLY B 86 10.25 17.55 7.78
CA GLY B 86 11.60 17.40 7.23
C GLY B 86 11.60 17.41 5.71
N ILE B 87 10.71 16.65 5.09
CA ILE B 87 10.55 16.65 3.63
C ILE B 87 10.18 18.05 3.10
N ALA B 88 9.21 18.69 3.74
CA ALA B 88 8.77 20.01 3.34
C ALA B 88 9.94 21.02 3.38
N LYS B 89 10.73 20.95 4.45
CA LYS B 89 11.86 21.86 4.63
C LYS B 89 12.95 21.61 3.58
N ARG B 90 13.27 20.34 3.32
CA ARG B 90 14.34 20.02 2.35
C ARG B 90 13.94 20.49 0.94
N ILE B 91 12.76 20.08 0.45
CA ILE B 91 12.32 20.44 -0.89
C ILE B 91 12.09 21.97 -1.00
N GLY B 92 11.53 22.56 0.05
CA GLY B 92 11.34 23.98 0.13
C GLY B 92 12.65 24.73 0.02
N GLU B 93 13.68 24.31 0.75
CA GLU B 93 14.99 24.96 0.66
C GLU B 93 15.62 24.76 -0.70
N ARG B 94 15.55 23.56 -1.26
CA ARG B 94 16.15 23.31 -2.57
C ARG B 94 15.57 24.21 -3.68
N TYR B 95 14.28 24.50 -3.60
CA TYR B 95 13.56 25.16 -4.69
C TYR B 95 12.99 26.52 -4.31
N LYS B 96 13.45 27.04 -3.18
CA LYS B 96 13.00 28.32 -2.63
C LYS B 96 11.47 28.50 -2.70
N LYS B 97 10.79 27.59 -1.99
CA LYS B 97 9.34 27.57 -1.81
C LYS B 97 8.99 27.40 -0.32
N ASP B 98 7.84 27.93 0.08
CA ASP B 98 7.33 27.79 1.43
C ASP B 98 6.38 26.60 1.33
N ILE B 99 6.90 25.41 1.63
CA ILE B 99 6.09 24.20 1.68
C ILE B 99 5.68 23.91 3.14
N SER B 100 4.38 23.83 3.38
CA SER B 100 3.82 23.36 4.65
C SER B 100 3.88 21.81 4.78
N PRO B 101 4.06 21.28 5.99
CA PRO B 101 4.02 19.82 6.21
C PRO B 101 2.67 19.20 5.78
N ASP B 102 1.61 20.00 5.86
CA ASP B 102 0.27 19.58 5.41
C ASP B 102 0.13 19.48 3.88
N GLN B 103 1.18 19.84 3.12
CA GLN B 103 1.20 19.63 1.67
C GLN B 103 1.83 18.30 1.26
N VAL B 104 2.35 17.55 2.24
CA VAL B 104 3.14 16.33 2.03
C VAL B 104 2.35 15.12 2.51
N VAL B 105 2.37 14.05 1.73
CA VAL B 105 1.84 12.77 2.19
C VAL B 105 2.94 11.75 1.96
N VAL B 106 3.21 10.96 2.99
CA VAL B 106 4.22 9.95 2.96
C VAL B 106 3.51 8.65 2.57
N THR B 107 4.11 7.93 1.61
CA THR B 107 3.53 6.78 0.96
C THR B 107 4.52 5.63 0.83
N ASN B 108 4.01 4.47 0.49
CA ASN B 108 4.83 3.28 0.29
C ASN B 108 5.50 3.33 -1.07
N GLY B 109 6.69 3.87 -1.05
CA GLY B 109 7.42 4.26 -2.26
C GLY B 109 6.74 5.41 -3.00
N ALA B 110 7.48 5.95 -3.94
CA ALA B 110 6.90 6.80 -4.98
C ALA B 110 5.78 6.08 -5.76
N LYS B 111 5.82 4.76 -5.85
CA LYS B 111 4.80 4.03 -6.57
C LYS B 111 3.39 4.29 -6.00
N GLN B 112 3.22 4.23 -4.69
CA GLN B 112 1.94 4.52 -4.10
C GLN B 112 1.64 6.02 -4.15
N ALA B 113 2.64 6.89 -4.14
CA ALA B 113 2.35 8.30 -4.33
C ALA B 113 1.72 8.51 -5.68
N LEU B 114 2.24 7.84 -6.70
CA LEU B 114 1.68 7.91 -8.05
C LEU B 114 0.24 7.38 -8.07
N PHE B 115 0.03 6.18 -7.53
CA PHE B 115 -1.28 5.58 -7.54
C PHE B 115 -2.32 6.46 -6.82
N ASN B 116 -1.94 6.98 -5.66
CA ASN B 116 -2.78 7.89 -4.88
C ASN B 116 -3.16 9.16 -5.65
N ALA B 117 -2.22 9.70 -6.44
CA ALA B 117 -2.46 10.87 -7.29
C ALA B 117 -3.55 10.59 -8.34
N PHE B 118 -3.42 9.45 -9.02
CA PHE B 118 -4.39 9.07 -10.02
C PHE B 118 -5.75 8.83 -9.39
N MET B 119 -5.79 8.15 -8.24
CA MET B 119 -7.05 7.86 -7.55
C MET B 119 -7.70 9.19 -7.04
N ALA B 120 -6.86 10.14 -6.66
CA ALA B 120 -7.34 11.38 -6.08
C ALA B 120 -7.81 12.35 -7.13
N LEU B 121 -7.26 12.28 -8.33
CA LEU B 121 -7.51 13.28 -9.34
C LEU B 121 -8.35 12.78 -10.51
N LEU B 122 -8.41 11.48 -10.73
CA LEU B 122 -9.07 10.95 -11.91
C LEU B 122 -10.48 10.47 -11.60
N ASP B 123 -11.46 11.04 -12.30
CA ASP B 123 -12.78 10.44 -12.44
C ASP B 123 -12.75 9.44 -13.60
N PRO B 124 -13.67 8.49 -13.60
CA PRO B 124 -13.77 7.50 -14.68
C PRO B 124 -13.81 8.11 -16.07
N GLY B 125 -12.97 7.58 -16.95
CA GLY B 125 -12.80 8.12 -18.29
C GLY B 125 -11.84 9.31 -18.46
N ASP B 126 -11.44 9.97 -17.37
CA ASP B 126 -10.48 11.07 -17.46
C ASP B 126 -9.21 10.57 -18.10
N GLU B 127 -8.56 11.44 -18.88
CA GLU B 127 -7.37 11.10 -19.63
C GLU B 127 -6.07 11.65 -19.02
N VAL B 128 -5.03 10.83 -19.05
CA VAL B 128 -3.69 11.24 -18.69
C VAL B 128 -2.81 11.06 -19.91
N ILE B 129 -2.10 12.14 -20.27
CA ILE B 129 -1.07 12.04 -21.30
C ILE B 129 0.22 11.51 -20.68
N VAL B 130 0.81 10.46 -21.27
CA VAL B 130 2.13 9.98 -20.87
C VAL B 130 3.05 9.98 -22.08
N PHE B 131 4.34 9.91 -21.83
CA PHE B 131 5.36 10.01 -22.85
C PHE B 131 6.14 8.71 -22.89
N SER B 132 6.17 8.06 -24.05
CA SER B 132 6.95 6.85 -24.21
C SER B 132 8.29 7.27 -24.85
N PRO B 133 9.37 6.52 -24.68
CA PRO B 133 9.42 5.31 -23.81
C PRO B 133 8.93 5.54 -22.39
N VAL B 134 8.11 4.64 -21.85
CA VAL B 134 7.42 4.90 -20.60
C VAL B 134 7.61 3.78 -19.57
N TRP B 135 7.86 4.15 -18.32
CA TRP B 135 7.99 3.18 -17.23
C TRP B 135 6.74 2.27 -17.13
N VAL B 136 6.98 1.02 -16.77
CA VAL B 136 5.97 -0.03 -16.85
C VAL B 136 4.75 0.09 -15.95
N SER B 137 4.77 0.93 -14.93
CA SER B 137 3.71 0.89 -13.91
C SER B 137 2.66 1.96 -14.05
N TYR B 138 2.98 3.02 -14.77
CA TYR B 138 2.10 4.17 -14.86
C TYR B 138 0.73 3.81 -15.45
N ILE B 139 0.76 3.08 -16.56
CA ILE B 139 -0.45 2.77 -17.29
C ILE B 139 -1.33 1.81 -16.45
N PRO B 140 -0.78 0.73 -15.94
CA PRO B 140 -1.52 -0.08 -14.97
C PRO B 140 -2.21 0.75 -13.91
N GLN B 141 -1.53 1.75 -13.34
CA GLN B 141 -2.10 2.56 -12.25
C GLN B 141 -3.25 3.42 -12.72
N ILE B 142 -3.05 4.03 -13.88
CA ILE B 142 -4.10 4.89 -14.44
C ILE B 142 -5.31 4.04 -14.78
N ILE B 143 -5.09 2.86 -15.38
CA ILE B 143 -6.15 1.89 -15.62
C ILE B 143 -6.91 1.52 -14.34
N LEU B 144 -6.17 1.14 -13.30
CA LEU B 144 -6.79 0.77 -12.01
C LEU B 144 -7.61 1.89 -11.42
N ALA B 145 -7.17 3.13 -11.64
CA ALA B 145 -7.89 4.33 -11.18
C ALA B 145 -9.08 4.73 -12.05
N GLY B 146 -9.36 4.04 -13.15
CA GLY B 146 -10.51 4.35 -13.98
C GLY B 146 -10.24 5.31 -15.11
N GLY B 147 -8.99 5.75 -15.26
CA GLY B 147 -8.64 6.72 -16.29
C GLY B 147 -8.30 6.04 -17.60
N THR B 148 -8.11 6.86 -18.63
CA THR B 148 -7.60 6.39 -19.92
C THR B 148 -6.29 7.09 -20.20
N VAL B 149 -5.55 6.57 -21.15
CA VAL B 149 -4.21 7.03 -21.40
C VAL B 149 -4.05 7.44 -22.86
N ASN B 150 -3.35 8.56 -23.06
CA ASN B 150 -2.90 8.99 -24.37
C ASN B 150 -1.38 8.96 -24.32
N VAL B 151 -0.78 8.01 -25.02
CA VAL B 151 0.67 7.83 -25.06
C VAL B 151 1.23 8.67 -26.18
N VAL B 152 2.13 9.58 -25.83
CA VAL B 152 2.75 10.45 -26.79
C VAL B 152 4.16 9.93 -26.94
N GLU B 153 4.44 9.36 -28.12
CA GLU B 153 5.74 8.80 -28.40
C GLU B 153 6.81 9.89 -28.66
N THR B 154 7.99 9.65 -28.11
CA THR B 154 9.18 10.46 -28.35
C THR B 154 10.25 9.60 -29.01
N PHE B 155 11.23 10.27 -29.61
CA PHE B 155 12.13 9.64 -30.56
C PHE B 155 13.58 9.90 -30.21
N MET B 156 14.42 8.90 -30.44
CA MET B 156 15.87 9.02 -30.32
C MET B 156 16.42 10.18 -31.15
N SER B 157 15.83 10.44 -32.33
CA SER B 157 16.28 11.53 -33.20
C SER B 157 16.03 12.90 -32.56
N LYS B 158 15.05 12.96 -31.66
CA LYS B 158 14.78 14.19 -30.92
C LYS B 158 15.29 14.11 -29.47
N ASN B 159 16.23 13.20 -29.20
CA ASN B 159 16.80 12.99 -27.87
C ASN B 159 15.75 12.62 -26.83
N PHE B 160 14.70 11.94 -27.30
CA PHE B 160 13.51 11.60 -26.51
C PHE B 160 12.87 12.78 -25.79
N GLN B 161 12.96 13.95 -26.40
CA GLN B 161 12.35 15.17 -25.86
C GLN B 161 10.92 15.30 -26.41
N PRO B 162 9.96 15.46 -25.50
CA PRO B 162 8.57 15.66 -25.90
C PRO B 162 8.36 17.04 -26.54
N SER B 163 7.40 17.07 -27.46
CA SER B 163 7.07 18.25 -28.22
C SER B 163 5.88 18.95 -27.54
N LEU B 164 6.12 20.15 -27.04
CA LEU B 164 5.12 20.91 -26.31
C LEU B 164 3.97 21.29 -27.23
N GLU B 165 4.39 21.63 -28.43
CA GLU B 165 3.53 21.98 -29.53
C GLU B 165 2.52 20.83 -29.73
N GLU B 166 3.04 19.61 -29.88
CA GLU B 166 2.25 18.37 -30.07
C GLU B 166 1.41 17.98 -28.87
N VAL B 167 1.82 18.41 -27.68
CA VAL B 167 1.06 18.12 -26.45
C VAL B 167 -0.22 18.97 -26.40
N GLU B 168 -0.11 20.26 -26.74
CA GLU B 168 -1.27 21.13 -26.74
C GLU B 168 -2.27 20.65 -27.78
N GLY B 169 -1.72 20.15 -28.89
CA GLY B 169 -2.49 19.65 -30.01
C GLY B 169 -3.40 18.51 -29.60
N LEU B 170 -2.97 17.72 -28.61
CA LEU B 170 -3.71 16.54 -28.13
C LEU B 170 -4.66 16.79 -26.97
N LEU B 171 -4.56 17.94 -26.32
CA LEU B 171 -5.42 18.22 -25.17
C LEU B 171 -6.90 18.18 -25.56
N VAL B 172 -7.69 17.47 -24.76
CA VAL B 172 -9.14 17.48 -24.91
C VAL B 172 -9.79 17.83 -23.56
N GLY B 173 -11.12 17.91 -23.53
CA GLY B 173 -11.85 18.24 -22.32
C GLY B 173 -11.60 17.28 -21.16
N LYS B 174 -11.46 16.00 -21.51
CA LYS B 174 -11.30 14.95 -20.52
C LYS B 174 -9.86 14.88 -19.98
N THR B 175 -8.88 15.48 -20.69
CA THR B 175 -7.48 15.50 -20.24
C THR B 175 -7.31 16.18 -18.87
N LYS B 176 -7.10 15.35 -17.86
CA LYS B 176 -6.99 15.79 -16.49
C LYS B 176 -5.53 16.00 -16.03
N ALA B 177 -4.58 15.28 -16.62
CA ALA B 177 -3.20 15.37 -16.19
C ALA B 177 -2.21 15.03 -17.28
N VAL B 178 -1.02 15.61 -17.15
CA VAL B 178 0.10 15.23 -17.95
C VAL B 178 1.19 14.76 -16.97
N LEU B 179 1.65 13.53 -17.23
CA LEU B 179 2.64 12.87 -16.42
C LEU B 179 4.04 13.02 -17.03
N ILE B 180 4.97 13.57 -16.25
CA ILE B 180 6.36 13.64 -16.66
C ILE B 180 7.27 12.90 -15.68
N ASN B 181 8.30 12.30 -16.23
CA ASN B 181 9.28 11.51 -15.50
C ASN B 181 10.69 11.91 -15.99
N SER B 182 11.25 12.89 -15.29
CA SER B 182 12.57 13.40 -15.59
C SER B 182 13.33 13.51 -14.26
N PRO B 183 14.53 12.91 -14.15
CA PRO B 183 15.15 12.04 -15.17
C PRO B 183 14.38 10.76 -15.50
N ASN B 184 14.54 10.31 -16.72
CA ASN B 184 13.62 9.36 -17.32
C ASN B 184 14.06 7.92 -17.18
N ASN B 185 13.11 7.07 -16.82
CA ASN B 185 13.25 5.63 -16.95
C ASN B 185 12.36 5.26 -18.16
N PRO B 186 12.87 4.64 -19.24
CA PRO B 186 14.19 3.98 -19.35
C PRO B 186 15.34 4.68 -20.08
N THR B 187 15.18 5.94 -20.49
CA THR B 187 16.14 6.54 -21.40
C THR B 187 17.26 7.28 -20.72
N GLY B 188 17.05 7.68 -19.48
CA GLY B 188 17.98 8.51 -18.78
C GLY B 188 18.01 9.95 -19.19
N VAL B 189 17.09 10.42 -20.04
CA VAL B 189 17.10 11.81 -20.43
C VAL B 189 16.47 12.68 -19.35
N VAL B 190 16.78 13.97 -19.45
CA VAL B 190 16.32 14.99 -18.56
C VAL B 190 15.61 16.01 -19.46
N TYR B 191 14.39 16.36 -19.12
CA TYR B 191 13.60 17.26 -19.94
C TYR B 191 14.08 18.71 -19.84
N ARG B 192 14.00 19.40 -20.98
CA ARG B 192 14.55 20.73 -21.18
C ARG B 192 13.70 21.71 -20.41
N ARG B 193 14.34 22.77 -19.93
CA ARG B 193 13.67 23.80 -19.15
C ARG B 193 12.55 24.48 -19.95
N GLU B 194 12.81 24.76 -21.21
CA GLU B 194 11.86 25.39 -22.14
C GLU B 194 10.55 24.58 -22.28
N PHE B 195 10.67 23.26 -22.38
CA PHE B 195 9.51 22.37 -22.40
C PHE B 195 8.68 22.48 -21.10
N LEU B 196 9.34 22.43 -19.95
CA LEU B 196 8.69 22.42 -18.64
C LEU B 196 7.98 23.74 -18.31
N GLU B 197 8.65 24.86 -18.58
CA GLU B 197 8.06 26.22 -18.45
C GLU B 197 6.80 26.34 -19.29
N GLY B 198 6.87 25.79 -20.51
CA GLY B 198 5.75 25.80 -21.42
C GLY B 198 4.62 24.92 -20.93
N LEU B 199 4.97 23.79 -20.33
CA LEU B 199 3.97 22.85 -19.88
C LEU B 199 3.22 23.47 -18.70
N VAL B 200 3.95 24.16 -17.84
CA VAL B 200 3.36 24.87 -16.71
C VAL B 200 2.42 26.00 -17.18
N ARG B 201 2.74 26.65 -18.31
CA ARG B 201 1.85 27.62 -18.93
C ARG B 201 0.59 26.93 -19.42
N LEU B 202 0.77 25.85 -20.18
CA LEU B 202 -0.36 25.06 -20.69
C LEU B 202 -1.32 24.59 -19.62
N ALA B 203 -0.79 24.21 -18.44
CA ALA B 203 -1.59 23.69 -17.34
C ALA B 203 -2.52 24.74 -16.73
N LYS B 204 -2.02 25.97 -16.59
CA LYS B 204 -2.82 27.11 -16.11
C LYS B 204 -3.96 27.45 -17.09
N LYS B 205 -3.59 27.57 -18.36
CA LYS B 205 -4.48 27.89 -19.49
C LYS B 205 -5.56 26.84 -19.75
N ARG B 206 -5.15 25.59 -19.88
CA ARG B 206 -6.01 24.52 -20.37
C ARG B 206 -6.56 23.64 -19.23
N ASN B 207 -6.27 24.04 -17.99
CA ASN B 207 -6.83 23.44 -16.77
C ASN B 207 -6.52 21.95 -16.52
N PHE B 208 -5.24 21.61 -16.36
CA PHE B 208 -4.85 20.25 -16.00
C PHE B 208 -3.69 20.25 -15.00
N TYR B 209 -3.51 19.12 -14.32
CA TYR B 209 -2.43 18.93 -13.35
C TYR B 209 -1.20 18.39 -14.03
N ILE B 210 -0.05 18.83 -13.53
CA ILE B 210 1.21 18.23 -13.95
C ILE B 210 1.65 17.36 -12.80
N ILE B 211 1.78 16.06 -13.09
CA ILE B 211 2.29 15.07 -12.16
C ILE B 211 3.73 14.78 -12.54
N SER B 212 4.66 15.07 -11.63
CA SER B 212 6.08 14.97 -11.92
C SER B 212 6.79 13.98 -11.02
N ASP B 213 7.27 12.90 -11.64
CA ASP B 213 7.95 11.82 -10.96
C ASP B 213 9.44 12.07 -11.07
N GLU B 214 10.00 12.61 -10.00
CA GLU B 214 11.38 13.05 -9.96
C GLU B 214 12.28 12.18 -9.05
N VAL B 215 11.99 10.90 -8.99
CA VAL B 215 12.67 10.00 -8.06
C VAL B 215 14.17 9.85 -8.33
N TYR B 216 14.59 10.16 -9.57
CA TYR B 216 15.99 10.01 -9.98
C TYR B 216 16.70 11.34 -9.97
N ASP B 217 16.09 12.35 -9.36
CA ASP B 217 16.64 13.72 -9.44
C ASP B 217 18.04 13.93 -8.83
N SER B 218 18.46 13.02 -7.94
CA SER B 218 19.78 13.05 -7.31
C SER B 218 20.80 12.40 -8.20
N LEU B 219 20.34 11.43 -8.99
CA LEU B 219 21.23 10.69 -9.85
C LEU B 219 21.34 11.40 -11.19
N VAL B 220 21.98 12.57 -11.17
CA VAL B 220 22.17 13.39 -12.35
C VAL B 220 23.67 13.60 -12.61
N TYR B 221 24.04 13.62 -13.89
CA TYR B 221 25.44 13.63 -14.34
C TYR B 221 25.73 14.91 -15.08
N THR B 222 24.94 15.92 -14.78
CA THR B 222 24.90 17.12 -15.56
C THR B 222 24.30 18.24 -14.71
N ASP B 223 24.51 19.48 -15.15
CA ASP B 223 23.96 20.67 -14.48
C ASP B 223 22.70 21.20 -15.20
N GLU B 224 22.22 20.48 -16.21
CA GLU B 224 20.99 20.83 -16.96
C GLU B 224 19.69 20.29 -16.35
N PHE B 225 19.72 19.50 -15.27
CA PHE B 225 18.46 19.05 -14.66
C PHE B 225 17.61 20.21 -14.21
N THR B 226 16.36 20.22 -14.68
CA THR B 226 15.33 21.15 -14.28
C THR B 226 14.17 20.36 -13.67
N SER B 227 13.79 20.75 -12.46
CA SER B 227 12.65 20.18 -11.77
C SER B 227 11.44 20.98 -12.17
N ILE B 228 10.26 20.36 -12.16
CA ILE B 228 9.03 21.11 -12.31
C ILE B 228 8.95 22.21 -11.25
N LEU B 229 9.56 21.96 -10.09
CA LEU B 229 9.62 22.97 -9.02
C LEU B 229 10.62 24.14 -9.29
N ASP B 230 11.49 23.99 -10.29
CA ASP B 230 12.31 25.11 -10.83
C ASP B 230 11.50 26.11 -11.68
N VAL B 231 10.45 25.63 -12.33
CA VAL B 231 9.66 26.43 -13.29
C VAL B 231 8.21 26.73 -12.85
N SER B 232 7.81 26.24 -11.68
CA SER B 232 6.48 26.47 -11.16
C SER B 232 6.60 27.52 -10.08
N GLU B 233 5.50 28.21 -9.81
CA GLU B 233 5.29 28.88 -8.53
C GLU B 233 4.03 28.19 -8.00
N GLY B 234 4.07 27.75 -6.74
CA GLY B 234 2.89 27.16 -6.15
C GLY B 234 2.54 25.79 -6.68
N PHE B 235 1.57 25.17 -6.03
CA PHE B 235 1.26 23.78 -6.32
C PHE B 235 -0.17 23.60 -6.82
N ASP B 236 -0.80 24.67 -7.31
CA ASP B 236 -2.23 24.60 -7.70
C ASP B 236 -2.50 23.52 -8.75
N ARG B 237 -1.53 23.37 -9.64
CA ARG B 237 -1.62 22.41 -10.72
C ARG B 237 -0.41 21.49 -10.73
N ILE B 238 0.31 21.38 -9.61
CA ILE B 238 1.49 20.52 -9.56
C ILE B 238 1.34 19.42 -8.54
N VAL B 239 1.62 18.19 -8.95
CA VAL B 239 1.76 17.06 -8.04
C VAL B 239 3.21 16.61 -8.14
N TYR B 240 3.96 16.77 -7.07
CA TYR B 240 5.37 16.45 -7.07
C TYR B 240 5.58 15.12 -6.37
N ILE B 241 6.30 14.22 -7.04
CA ILE B 241 6.57 12.89 -6.51
C ILE B 241 8.05 12.59 -6.44
N ASN B 242 8.48 12.13 -5.25
CA ASN B 242 9.86 11.73 -4.99
C ASN B 242 9.87 10.69 -3.86
N GLY B 243 11.05 10.26 -3.44
CA GLY B 243 11.21 9.35 -2.32
C GLY B 243 12.65 8.95 -2.15
N PHE B 244 12.87 7.89 -1.37
CA PHE B 244 14.21 7.54 -0.89
C PHE B 244 14.81 6.36 -1.60
N SER B 245 14.01 5.74 -2.45
CA SER B 245 14.37 4.47 -3.05
C SER B 245 15.66 4.57 -3.85
N LYS B 246 15.73 5.56 -4.73
CA LYS B 246 16.86 5.66 -5.65
C LYS B 246 17.96 6.51 -5.07
N SER B 247 17.59 7.66 -4.50
CA SER B 247 18.55 8.59 -3.96
C SER B 247 19.39 8.00 -2.83
N HIS B 248 18.83 7.06 -2.06
CA HIS B 248 19.52 6.51 -0.89
C HIS B 248 19.59 5.00 -0.90
N SER B 249 19.27 4.42 -2.05
CA SER B 249 19.29 2.99 -2.20
C SER B 249 18.48 2.31 -1.08
N MET B 250 17.27 2.79 -0.90
CA MET B 250 16.38 2.31 0.14
C MET B 250 15.12 1.68 -0.44
N THR B 251 15.25 1.03 -1.60
CA THR B 251 14.10 0.51 -2.35
C THR B 251 13.20 -0.41 -1.53
N GLY B 252 13.79 -1.33 -0.75
CA GLY B 252 13.02 -2.25 0.05
C GLY B 252 12.30 -1.65 1.27
N TRP B 253 12.64 -0.42 1.64
CA TRP B 253 11.98 0.32 2.74
C TRP B 253 10.58 0.79 2.39
N ARG B 254 10.33 1.05 1.11
CA ARG B 254 9.07 1.57 0.56
C ARG B 254 8.67 2.88 1.21
N VAL B 255 9.47 3.93 1.04
CA VAL B 255 9.15 5.26 1.54
C VAL B 255 9.31 6.27 0.40
N GLY B 256 8.20 6.91 0.06
CA GLY B 256 8.19 7.98 -0.89
C GLY B 256 7.20 8.99 -0.39
N TYR B 257 6.95 10.00 -1.22
CA TYR B 257 6.04 11.04 -0.83
C TYR B 257 5.51 11.82 -2.01
N LEU B 258 4.42 12.54 -1.74
CA LEU B 258 3.78 13.44 -2.67
C LEU B 258 3.70 14.77 -2.00
N ILE B 259 3.98 15.82 -2.77
CA ILE B 259 3.75 17.19 -2.38
C ILE B 259 2.85 17.86 -3.43
N SER B 260 1.79 18.49 -2.99
CA SER B 260 0.92 19.28 -3.87
C SER B 260 0.25 20.40 -3.05
N SER B 261 -0.85 20.95 -3.54
CA SER B 261 -1.68 21.86 -2.76
C SER B 261 -2.22 21.12 -1.54
N GLU B 262 -2.64 21.89 -0.52
CA GLU B 262 -3.22 21.30 0.68
C GLU B 262 -4.51 20.55 0.32
N LYS B 263 -5.23 21.04 -0.68
CA LYS B 263 -6.44 20.39 -1.18
C LYS B 263 -6.14 18.98 -1.72
N VAL B 264 -5.15 18.88 -2.61
CA VAL B 264 -4.80 17.60 -3.20
C VAL B 264 -4.16 16.64 -2.20
N ALA B 265 -3.32 17.18 -1.32
CA ALA B 265 -2.71 16.43 -0.25
C ALA B 265 -3.75 15.82 0.68
N THR B 266 -4.81 16.55 0.93
CA THR B 266 -5.88 16.09 1.78
C THR B 266 -6.63 14.92 1.12
N ALA B 267 -6.93 15.06 -0.17
CA ALA B 267 -7.53 14.00 -0.93
C ALA B 267 -6.60 12.76 -0.94
N VAL B 268 -5.32 12.99 -1.24
CA VAL B 268 -4.35 11.91 -1.31
C VAL B 268 -4.22 11.20 0.01
N SER B 269 -4.33 11.95 1.10
CA SER B 269 -4.23 11.44 2.46
C SER B 269 -5.42 10.52 2.82
N LYS B 270 -6.59 10.84 2.30
CA LYS B 270 -7.76 9.99 2.43
C LYS B 270 -7.54 8.67 1.71
N ILE B 271 -7.03 8.68 0.49
CA ILE B 271 -6.71 7.45 -0.22
C ILE B 271 -5.73 6.60 0.64
N GLN B 272 -4.65 7.22 1.11
CA GLN B 272 -3.58 6.56 1.85
C GLN B 272 -4.17 5.90 3.05
N SER B 273 -5.02 6.67 3.73
CA SER B 273 -5.58 6.25 4.99
C SER B 273 -6.47 4.99 4.86
N HIS B 274 -7.30 4.94 3.82
CA HIS B 274 -8.25 3.86 3.69
C HIS B 274 -7.69 2.63 3.00
N THR B 275 -6.57 2.80 2.27
CA THR B 275 -6.02 1.71 1.47
C THR B 275 -4.98 0.89 2.24
N THR B 276 -3.90 1.53 2.71
CA THR B 276 -2.83 0.89 3.47
C THR B 276 -2.70 1.46 4.87
N SER B 277 -3.37 2.57 5.12
CA SER B 277 -3.09 3.42 6.26
C SER B 277 -1.62 3.92 6.21
N CYS B 278 -1.12 4.33 7.36
CA CYS B 278 0.25 4.75 7.52
C CYS B 278 1.25 3.70 7.04
N ILE B 279 2.41 4.14 6.63
CA ILE B 279 3.50 3.22 6.24
C ILE B 279 4.24 2.76 7.49
N ASN B 280 4.98 1.68 7.29
CA ASN B 280 5.79 1.10 8.31
C ASN B 280 6.53 2.15 9.15
N THR B 281 6.35 2.09 10.46
CA THR B 281 6.89 3.13 11.33
C THR B 281 8.40 3.14 11.37
N VAL B 282 9.01 1.95 11.38
CA VAL B 282 10.46 1.88 11.30
C VAL B 282 10.96 2.65 10.07
N ALA B 283 10.35 2.39 8.92
CA ALA B 283 10.68 3.05 7.67
C ALA B 283 10.59 4.59 7.80
N GLN B 284 9.58 5.07 8.49
CA GLN B 284 9.42 6.49 8.68
C GLN B 284 10.60 7.06 9.41
N TYR B 285 11.02 6.42 10.49
CA TYR B 285 12.20 6.88 11.19
C TYR B 285 13.48 6.73 10.40
N ALA B 286 13.57 5.67 9.61
CA ALA B 286 14.72 5.50 8.73
C ALA B 286 14.80 6.69 7.72
N ALA B 287 13.67 7.05 7.11
CA ALA B 287 13.60 8.13 6.14
C ALA B 287 13.91 9.50 6.74
N LEU B 288 13.48 9.72 7.96
CA LEU B 288 13.73 10.97 8.64
C LEU B 288 15.25 11.15 8.79
N LYS B 289 15.97 10.09 9.15
CA LYS B 289 17.43 10.13 9.21
C LYS B 289 18.04 10.26 7.82
N ALA B 290 17.44 9.60 6.85
CA ALA B 290 17.93 9.63 5.48
C ALA B 290 18.00 11.04 4.92
N LEU B 291 17.09 11.92 5.35
CA LEU B 291 17.13 13.33 4.99
C LEU B 291 18.46 14.00 5.33
N GLU B 292 19.13 13.54 6.39
CA GLU B 292 20.41 14.08 6.79
C GLU B 292 21.64 13.45 6.08
N VAL B 293 21.42 12.43 5.26
CA VAL B 293 22.49 11.61 4.75
C VAL B 293 22.91 12.06 3.34
N ASP B 294 24.21 12.21 3.15
CA ASP B 294 24.78 12.55 1.86
C ASP B 294 24.96 11.27 1.00
N ASN B 295 24.50 11.34 -0.25
CA ASN B 295 24.64 10.24 -1.18
C ASN B 295 25.66 10.53 -2.32
N SER B 296 26.52 11.51 -2.14
CA SER B 296 27.50 11.96 -3.14
C SER B 296 28.36 10.79 -3.64
N TYR B 297 28.81 9.91 -2.74
CA TYR B 297 29.67 8.80 -3.17
C TYR B 297 28.95 7.90 -4.19
N MET B 298 27.70 7.61 -3.92
CA MET B 298 26.91 6.76 -4.79
C MET B 298 26.71 7.43 -6.14
N VAL B 299 26.35 8.71 -6.13
CA VAL B 299 26.06 9.42 -7.37
C VAL B 299 27.33 9.46 -8.23
N GLN B 300 28.49 9.66 -7.59
CA GLN B 300 29.75 9.75 -8.36
C GLN B 300 30.14 8.41 -8.92
N THR B 301 29.89 7.36 -8.14
CA THR B 301 30.07 6.00 -8.61
C THR B 301 29.22 5.72 -9.87
N PHE B 302 27.94 6.12 -9.84
CA PHE B 302 27.06 5.97 -10.99
C PHE B 302 27.48 6.84 -12.19
N LYS B 303 27.96 8.06 -11.91
CA LYS B 303 28.45 8.96 -12.98
C LYS B 303 29.60 8.29 -13.75
N GLU B 304 30.53 7.70 -13.03
CA GLU B 304 31.67 7.10 -13.68
C GLU B 304 31.35 5.78 -14.39
N ARG B 305 30.34 5.05 -13.91
CA ARG B 305 29.81 3.90 -14.64
C ARG B 305 29.11 4.34 -15.93
N LYS B 306 28.37 5.44 -15.84
CA LYS B 306 27.67 6.04 -16.96
C LYS B 306 28.70 6.41 -18.00
N ASN B 307 29.72 7.16 -17.61
CA ASN B 307 30.79 7.55 -18.56
C ASN B 307 31.44 6.34 -19.22
N PHE B 308 31.64 5.27 -18.45
CA PHE B 308 32.30 4.07 -18.98
C PHE B 308 31.46 3.32 -19.98
N VAL B 309 30.17 3.19 -19.70
CA VAL B 309 29.29 2.44 -20.58
C VAL B 309 29.04 3.24 -21.87
N VAL B 310 28.92 4.55 -21.72
CA VAL B 310 28.70 5.47 -22.82
C VAL B 310 29.89 5.36 -23.77
N GLU B 311 31.11 5.58 -23.27
CA GLU B 311 32.30 5.48 -24.12
C GLU B 311 32.34 4.13 -24.83
N ARG B 312 32.13 3.07 -24.08
CA ARG B 312 32.24 1.72 -24.61
C ARG B 312 31.27 1.45 -25.77
N LEU B 313 30.02 1.87 -25.60
CA LEU B 313 28.97 1.57 -26.57
C LEU B 313 29.13 2.38 -27.84
N LYS B 314 29.49 3.65 -27.70
CA LYS B 314 29.90 4.52 -28.82
C LYS B 314 30.93 3.83 -29.72
N LYS B 315 32.00 3.37 -29.09
CA LYS B 315 33.10 2.62 -29.70
C LYS B 315 32.64 1.38 -30.49
N MET B 316 31.65 0.66 -29.97
CA MET B 316 31.07 -0.52 -30.63
C MET B 316 30.09 -0.17 -31.78
N GLY B 317 29.86 1.13 -32.02
CA GLY B 317 28.93 1.57 -33.03
C GLY B 317 27.47 1.42 -32.63
N VAL B 318 27.19 1.38 -31.33
CA VAL B 318 25.81 1.25 -30.85
C VAL B 318 25.20 2.64 -30.76
N LYS B 319 23.90 2.73 -31.10
CA LYS B 319 23.19 4.01 -31.14
C LYS B 319 22.29 4.22 -29.93
N PHE B 320 22.37 5.42 -29.35
CA PHE B 320 21.61 5.76 -28.14
C PHE B 320 21.76 7.25 -27.84
N VAL B 321 20.87 7.73 -26.97
CA VAL B 321 20.97 9.06 -26.38
C VAL B 321 21.73 8.94 -25.05
N GLU B 322 22.76 9.77 -24.88
CA GLU B 322 23.60 9.74 -23.70
C GLU B 322 22.72 10.06 -22.50
N PRO B 323 22.61 9.16 -21.53
CA PRO B 323 21.77 9.46 -20.36
C PRO B 323 22.36 10.59 -19.51
N GLU B 324 21.52 11.50 -19.04
CA GLU B 324 21.93 12.60 -18.17
C GLU B 324 21.53 12.35 -16.72
N GLY B 325 20.83 11.27 -16.49
CA GLY B 325 20.36 10.91 -15.16
C GLY B 325 19.82 9.49 -15.09
N ALA B 326 19.42 9.07 -13.87
CA ALA B 326 19.00 7.70 -13.55
C ALA B 326 20.17 6.75 -13.83
N PHE B 327 19.92 5.46 -14.00
CA PHE B 327 21.01 4.52 -14.22
C PHE B 327 20.71 3.53 -15.30
N TYR B 328 20.03 4.04 -16.32
CA TYR B 328 19.68 3.30 -17.54
C TYR B 328 20.29 3.89 -18.82
N LEU B 329 20.51 2.99 -19.77
CA LEU B 329 20.92 3.35 -21.09
C LEU B 329 20.00 2.58 -22.06
N PHE B 330 19.33 3.33 -22.94
CA PHE B 330 18.32 2.77 -23.83
C PHE B 330 18.88 2.75 -25.26
N PHE B 331 19.42 1.63 -25.70
CA PHE B 331 20.08 1.62 -27.02
C PHE B 331 19.31 0.89 -28.11
N LYS B 332 19.71 1.14 -29.35
CA LYS B 332 18.99 0.68 -30.53
C LYS B 332 19.54 -0.68 -30.96
N VAL B 333 18.64 -1.62 -31.20
CA VAL B 333 18.99 -2.95 -31.66
C VAL B 333 18.36 -3.20 -33.04
N ARG B 334 18.98 -4.07 -33.85
CA ARG B 334 18.39 -4.48 -35.10
C ARG B 334 17.32 -5.54 -34.81
N GLY B 335 16.28 -5.56 -35.64
CA GLY B 335 15.21 -6.53 -35.52
C GLY B 335 14.31 -6.37 -34.30
N ASP B 336 13.82 -7.51 -33.81
CA ASP B 336 12.93 -7.61 -32.66
C ASP B 336 13.76 -7.55 -31.36
N ASP B 337 13.33 -6.71 -30.42
CA ASP B 337 14.09 -6.46 -29.18
C ASP B 337 13.87 -7.57 -28.16
N VAL B 338 12.66 -8.10 -28.11
CA VAL B 338 12.38 -9.27 -27.27
C VAL B 338 13.30 -10.43 -27.65
N LYS B 339 13.38 -10.73 -28.94
CA LYS B 339 14.26 -11.79 -29.40
C LYS B 339 15.73 -11.44 -29.15
N PHE B 340 16.09 -10.18 -29.36
CA PHE B 340 17.45 -9.73 -29.04
C PHE B 340 17.85 -10.12 -27.62
N CYS B 341 16.94 -9.89 -26.68
CA CYS B 341 17.21 -10.11 -25.26
C CYS B 341 17.17 -11.57 -24.89
N GLU B 342 16.31 -12.35 -25.57
CA GLU B 342 16.19 -13.80 -25.33
C GLU B 342 17.50 -14.48 -25.73
N ARG B 343 18.05 -14.08 -26.86
CA ARG B 343 19.22 -14.69 -27.45
C ARG B 343 20.49 -14.30 -26.72
N LEU B 344 20.59 -13.04 -26.36
CA LEU B 344 21.74 -12.54 -25.62
C LEU B 344 21.78 -13.22 -24.27
N LEU B 345 20.62 -13.38 -23.64
CA LEU B 345 20.55 -14.13 -22.41
C LEU B 345 20.98 -15.58 -22.59
N GLU B 346 20.43 -16.28 -23.58
CA GLU B 346 20.68 -17.71 -23.70
C GLU B 346 22.12 -17.97 -24.18
N GLU B 347 22.68 -17.09 -25.01
CA GLU B 347 23.99 -17.34 -25.63
C GLU B 347 25.15 -16.71 -24.82
N LYS B 348 24.93 -15.51 -24.30
CA LYS B 348 25.97 -14.73 -23.62
C LYS B 348 25.73 -14.58 -22.13
N LYS B 349 24.55 -15.01 -21.65
CA LYS B 349 24.16 -14.92 -20.25
C LYS B 349 24.30 -13.48 -19.73
N VAL B 350 23.86 -12.54 -20.58
CA VAL B 350 23.61 -11.15 -20.20
C VAL B 350 22.13 -10.85 -20.32
N ALA B 351 21.58 -10.30 -19.25
CA ALA B 351 20.18 -9.93 -19.16
C ALA B 351 19.93 -8.42 -19.35
N LEU B 352 19.17 -8.09 -20.41
CA LEU B 352 18.65 -6.76 -20.67
C LEU B 352 17.12 -6.78 -20.75
N VAL B 353 16.52 -5.60 -20.74
CA VAL B 353 15.08 -5.48 -20.78
C VAL B 353 14.65 -5.02 -22.18
N PRO B 354 13.76 -5.77 -22.84
CA PRO B 354 13.24 -5.34 -24.15
C PRO B 354 12.58 -3.95 -24.08
N GLY B 355 12.94 -3.05 -24.99
CA GLY B 355 12.29 -1.75 -25.14
C GLY B 355 10.77 -1.80 -25.33
N SER B 356 10.29 -2.89 -25.92
CA SER B 356 8.85 -3.23 -25.98
C SER B 356 8.12 -3.07 -24.64
N ALA B 357 8.79 -3.43 -23.56
CA ALA B 357 8.20 -3.27 -22.24
C ALA B 357 7.85 -1.80 -21.93
N PHE B 358 8.56 -0.87 -22.54
CA PHE B 358 8.40 0.56 -22.34
C PHE B 358 7.66 1.24 -23.52
N LEU B 359 6.98 0.42 -24.32
CA LEU B 359 6.26 0.83 -25.54
C LEU B 359 7.14 1.46 -26.61
N LYS B 360 8.41 1.06 -26.66
CA LYS B 360 9.35 1.53 -27.68
C LYS B 360 10.17 0.36 -28.22
N PRO B 361 9.57 -0.40 -29.13
CA PRO B 361 10.25 -1.52 -29.79
C PRO B 361 11.52 -1.13 -30.56
N GLY B 362 12.39 -2.10 -30.76
CA GLY B 362 13.65 -1.87 -31.44
C GLY B 362 14.72 -1.22 -30.57
N PHE B 363 14.50 -1.24 -29.26
CA PHE B 363 15.44 -0.71 -28.28
C PHE B 363 15.57 -1.72 -27.16
N VAL B 364 16.62 -1.57 -26.38
CA VAL B 364 16.86 -2.41 -25.19
C VAL B 364 17.34 -1.49 -24.04
N ARG B 365 16.98 -1.82 -22.79
CA ARG B 365 17.41 -1.06 -21.61
C ARG B 365 18.47 -1.82 -20.83
N LEU B 366 19.60 -1.16 -20.65
CA LEU B 366 20.72 -1.65 -19.86
C LEU B 366 20.80 -0.82 -18.56
N SER B 367 20.88 -1.50 -17.43
CA SER B 367 21.07 -0.82 -16.14
C SER B 367 22.52 -0.92 -15.79
N PHE B 368 23.05 0.18 -15.27
CA PHE B 368 24.43 0.13 -14.81
C PHE B 368 24.54 0.26 -13.27
N ALA B 369 23.64 -0.46 -12.59
CA ALA B 369 23.73 -0.63 -11.15
C ALA B 369 24.53 -1.90 -10.89
N THR B 370 25.71 -1.97 -11.49
CA THR B 370 26.71 -2.99 -11.18
C THR B 370 28.11 -2.43 -11.38
N SER B 371 29.09 -3.18 -10.90
CA SER B 371 30.47 -2.73 -10.93
C SER B 371 30.99 -2.54 -12.37
N ILE B 372 31.96 -1.64 -12.50
CA ILE B 372 32.64 -1.44 -13.77
C ILE B 372 33.20 -2.75 -14.27
N GLU B 373 33.64 -3.59 -13.33
CA GLU B 373 34.20 -4.91 -13.65
C GLU B 373 33.19 -5.78 -14.41
N ARG B 374 32.01 -5.87 -13.86
CA ARG B 374 30.95 -6.70 -14.44
C ARG B 374 30.40 -6.07 -15.72
N LEU B 375 30.27 -4.74 -15.72
CA LEU B 375 29.89 -4.00 -16.90
C LEU B 375 30.87 -4.24 -18.04
N THR B 376 32.16 -4.33 -17.71
CA THR B 376 33.19 -4.52 -18.71
C THR B 376 33.03 -5.88 -19.35
N GLU B 377 32.81 -6.89 -18.53
CA GLU B 377 32.62 -8.24 -19.03
C GLU B 377 31.34 -8.32 -19.85
N ALA B 378 30.25 -7.67 -19.39
CA ALA B 378 28.98 -7.72 -20.12
C ALA B 378 29.12 -7.03 -21.46
N LEU B 379 29.79 -5.88 -21.48
CA LEU B 379 29.94 -5.08 -22.69
C LEU B 379 30.84 -5.77 -23.71
N ASP B 380 31.79 -6.55 -23.19
CA ASP B 380 32.59 -7.51 -23.97
C ASP B 380 31.69 -8.51 -24.67
N ARG B 381 30.82 -9.15 -23.90
CA ARG B 381 29.96 -10.21 -24.44
C ARG B 381 28.97 -9.66 -25.44
N ILE B 382 28.44 -8.48 -25.13
CA ILE B 382 27.53 -7.77 -26.02
C ILE B 382 28.21 -7.45 -27.34
N GLU B 383 29.49 -7.08 -27.31
CA GLU B 383 30.26 -6.69 -28.50
C GLU B 383 30.51 -7.91 -29.40
N ASP B 384 30.84 -9.02 -28.77
CA ASP B 384 30.95 -10.32 -29.45
C ASP B 384 29.63 -10.76 -30.11
N PHE B 385 28.53 -10.50 -29.42
CA PHE B 385 27.20 -10.90 -29.86
C PHE B 385 26.80 -10.02 -31.06
N LEU B 386 27.13 -8.74 -31.01
CA LEU B 386 26.82 -7.83 -32.08
C LEU B 386 27.62 -8.15 -33.36
N ASN B 387 28.77 -8.81 -33.23
CA ASN B 387 29.60 -9.19 -34.37
C ASN B 387 29.59 -10.71 -34.55
N SER B 388 28.44 -11.34 -34.26
CA SER B 388 28.23 -12.80 -34.32
C SER B 388 29.49 -13.65 -34.14
#